data_7MJR
#
_entry.id   7MJR
#
_cell.length_a   117.517
_cell.length_b   221.374
_cell.length_c   154.141
_cell.angle_alpha   90.000
_cell.angle_beta   90.000
_cell.angle_gamma   90.000
#
_symmetry.space_group_name_H-M   'C 2 2 21'
#
loop_
_entity.id
_entity.type
_entity.pdbx_description
1 polymer 'Vip4Da1 protein'
2 non-polymer 'CALCIUM ION'
3 non-polymer 'SULFATE ION'
#
_entity_poly.entity_id   1
_entity_poly.type   'polypeptide(L)'
_entity_poly.pdbx_seq_one_letter_code
;MQNIVSSKSEQATVIGLVGFYFKDSTFKELMFIQVGEKSNLMNKARINTDAQQIQSIRWMGNLKSPQTGEYRLSTSSDEN
VILQINGETVINQASIQKNLKLEANQVYEIKIEYRNTSNTLPDLQLFWSMNNAQKEQIPEKYILSPNFSEKANSLAEKET
QSFFPNYNLFDRQQENGEKQSMSTPVDTDNDCIPDEWEEKGYTFRNQQIVPWNDAYSAEGYKKYVSNPYHARTVKDPYTD
FEKVTGHMPAATKYEARDPLVAAYPSVGVGMEKLHFSKNDTVTEGNADTKSKTTTKTDTTTNTVEIGGSLGFSDKGFSFS
ISPKYTHSWSSSTSVADTDSTTWSSQIGINTAERAYLNANVRYYNGGTAPIYDLKPTTNFVFQNSGDSITTITAGPNQIG
NSLGAGDTYPQKGQAPISLDKANEAGTVKIAINAEQLDKIQAGTEILNIETTQNRGQYGILDEKGQVIPGGEWDPIRTNI
DAVSGSLTLNLGTGKDSLERRVAAKNMNDPEDKTPEITIKEAIKKAFNAYYYDGRLYYTDQGEKDIFIDEPSINLITDEN
TKKEIERQLNQMPGKTVYDVKWKRGMKITLHVPIKYYDFETSENLWYYTYQESGGYTGKKRGRIGTDGHGTAMSNPQLKP
YTSYTVRAYVRTASTTGSNEVVFYADNSSGNGQGAKVSGKVTGGKWKIAEFSFNTFNNPEYFKIIGLKNNGNANLHFDDV
SVIEWKTNENLQKKHIFEKWSFGSNDEMVIGATFTRVPSSKIRYQWKINGRLGSIIPAPPLDANGKRTVTYGSITAITPM
ELYAVDEKNDNLKVKVAELGESEIEKVMIDAHKFSGWWYLSENPNLYSGLSLYKLPDIFYNNVSSYKIRVNGKKVQTVSK
PSPFLFQITFNLKNPNGGTYPTKDASVELWATVGGKDLKVLHKWIQKSDVMYSQTNN
;
_entity_poly.pdbx_strand_id   A
#
# COMPACT_ATOMS: atom_id res chain seq x y z
N GLU A 10 -4.84 31.89 9.01
CA GLU A 10 -3.53 32.32 9.52
C GLU A 10 -3.68 33.35 10.65
N GLN A 11 -3.38 32.88 11.87
CA GLN A 11 -3.55 33.67 13.09
C GLN A 11 -2.32 34.51 13.46
N ALA A 12 -1.11 33.93 13.45
CA ALA A 12 0.14 34.66 13.76
C ALA A 12 0.10 35.26 15.18
N THR A 13 -0.52 34.52 16.10
CA THR A 13 -0.47 34.95 17.48
C THR A 13 0.89 34.69 18.10
N VAL A 14 1.69 33.83 17.47
CA VAL A 14 2.97 33.37 18.02
C VAL A 14 4.03 34.47 17.97
N ILE A 15 3.89 35.40 17.02
CA ILE A 15 4.85 36.49 16.84
C ILE A 15 4.87 37.38 18.07
N GLY A 16 6.04 37.58 18.62
CA GLY A 16 6.18 38.47 19.76
C GLY A 16 7.29 38.04 20.68
N LEU A 17 7.40 38.79 21.78
CA LEU A 17 8.44 38.58 22.76
C LEU A 17 8.27 37.21 23.40
N VAL A 18 9.31 36.38 23.31
CA VAL A 18 9.33 35.16 24.10
C VAL A 18 9.81 35.51 25.50
N GLY A 19 9.20 34.92 26.51
CA GLY A 19 9.43 35.33 27.88
C GLY A 19 9.66 34.15 28.80
N PHE A 20 10.64 34.30 29.69
CA PHE A 20 11.13 33.22 30.53
C PHE A 20 10.82 33.53 32.00
N TYR A 21 9.86 32.80 32.56
CA TYR A 21 9.28 33.09 33.86
C TYR A 21 9.92 32.19 34.91
N PHE A 22 10.75 32.78 35.75
CA PHE A 22 11.42 32.09 36.85
C PHE A 22 10.71 32.35 38.17
N LYS A 23 10.74 31.34 39.06
CA LYS A 23 10.00 31.43 40.31
C LYS A 23 10.67 32.34 41.35
N ASP A 24 12.00 32.47 41.31
CA ASP A 24 12.72 33.21 42.33
C ASP A 24 13.15 34.59 41.83
N SER A 25 13.95 35.28 42.64
CA SER A 25 14.31 36.68 42.43
C SER A 25 15.58 36.86 41.61
N THR A 26 16.21 35.77 41.16
CA THR A 26 17.54 35.84 40.56
C THR A 26 17.66 35.06 39.25
N PHE A 27 16.52 34.82 38.56
CA PHE A 27 16.50 34.19 37.23
C PHE A 27 17.20 32.84 37.26
N LYS A 28 16.66 31.93 38.05
CA LYS A 28 17.36 30.68 38.33
C LYS A 28 16.49 29.43 38.25
N GLU A 29 15.22 29.48 38.58
CA GLU A 29 14.32 28.33 38.54
C GLU A 29 13.23 28.62 37.50
N LEU A 30 13.55 28.33 36.23
CA LEU A 30 12.58 28.47 35.15
C LEU A 30 11.31 27.72 35.51
N MET A 31 10.17 28.33 35.22
CA MET A 31 8.89 27.67 35.42
C MET A 31 8.18 27.38 34.11
N PHE A 32 8.06 28.39 33.25
CA PHE A 32 7.49 28.19 31.92
C PHE A 32 8.06 29.23 30.97
N ILE A 33 7.84 28.99 29.68
CA ILE A 33 8.33 29.86 28.62
C ILE A 33 7.12 30.26 27.79
N GLN A 34 6.66 31.49 27.94
CA GLN A 34 5.50 32.01 27.24
C GLN A 34 5.94 32.62 25.92
N VAL A 35 5.36 32.19 24.82
CA VAL A 35 5.70 32.76 23.52
C VAL A 35 4.66 33.79 23.14
N GLY A 36 5.04 34.66 22.22
CA GLY A 36 4.10 35.56 21.56
C GLY A 36 3.49 36.68 22.40
N GLU A 37 4.19 37.16 23.43
CA GLU A 37 3.72 38.32 24.16
C GLU A 37 3.97 39.57 23.33
N LYS A 38 3.11 40.57 23.47
CA LYS A 38 3.02 41.54 22.40
C LYS A 38 2.88 43.01 22.82
N SER A 39 2.79 43.35 24.11
CA SER A 39 2.59 44.75 24.53
C SER A 39 2.17 44.88 25.99
N ASN A 40 1.16 44.10 26.40
CA ASN A 40 0.71 44.04 27.78
C ASN A 40 1.40 42.84 28.42
N LEU A 41 2.66 43.01 28.80
CA LEU A 41 3.47 41.87 29.18
C LEU A 41 2.94 41.24 30.46
N MET A 42 3.30 39.97 30.66
CA MET A 42 2.79 39.10 31.73
C MET A 42 1.32 38.68 31.58
N ASN A 43 0.55 39.32 30.69
CA ASN A 43 -0.88 39.09 30.68
C ASN A 43 -1.25 37.77 30.00
N LYS A 44 -0.66 37.52 28.84
CA LYS A 44 -0.92 36.26 28.12
C LYS A 44 -0.56 35.04 28.97
N ALA A 45 0.39 35.19 29.88
CA ALA A 45 0.94 34.08 30.65
C ALA A 45 0.14 33.78 31.91
N ARG A 46 -0.89 34.57 32.23
CA ARG A 46 -1.71 34.33 33.40
C ARG A 46 -2.57 33.08 33.29
N ILE A 47 -2.65 32.48 32.09
CA ILE A 47 -3.38 31.24 31.88
C ILE A 47 -2.71 30.07 32.59
N ASN A 48 -1.44 30.23 32.93
CA ASN A 48 -0.72 29.24 33.70
C ASN A 48 -1.09 29.40 35.16
N THR A 49 -1.50 28.29 35.76
CA THR A 49 -1.84 28.31 37.18
C THR A 49 -0.65 28.72 38.07
N ASP A 50 0.56 28.81 37.51
CA ASP A 50 1.78 29.15 38.24
C ASP A 50 2.12 30.63 38.19
N ALA A 51 1.28 31.46 37.58
CA ALA A 51 1.74 32.79 37.16
C ALA A 51 1.95 33.73 38.34
N GLN A 52 1.08 33.68 39.34
CA GLN A 52 1.22 34.64 40.42
C GLN A 52 2.36 34.32 41.39
N GLN A 53 3.12 33.26 41.14
CA GLN A 53 4.26 32.86 41.97
C GLN A 53 5.61 33.27 41.36
N ILE A 54 5.61 34.05 40.32
CA ILE A 54 6.84 34.37 39.61
C ILE A 54 7.42 35.66 40.18
N GLN A 55 8.76 35.71 40.28
CA GLN A 55 9.44 36.91 40.76
C GLN A 55 10.53 37.42 39.81
N SER A 56 10.85 36.71 38.74
CA SER A 56 11.81 37.25 37.78
C SER A 56 11.41 36.77 36.40
N ILE A 57 11.48 37.68 35.43
CA ILE A 57 11.07 37.40 34.07
C ILE A 57 12.05 38.02 33.10
N ARG A 58 12.59 37.21 32.18
CA ARG A 58 13.34 37.74 31.07
C ARG A 58 12.48 37.61 29.82
N TRP A 59 12.32 38.71 29.10
CA TRP A 59 11.76 38.67 27.75
C TRP A 59 12.89 38.87 26.76
N MET A 60 12.70 38.37 25.54
CA MET A 60 13.64 38.62 24.45
C MET A 60 12.87 38.64 23.14
N GLY A 61 13.31 39.47 22.21
CA GLY A 61 12.58 39.61 20.97
C GLY A 61 13.14 40.73 20.12
N ASN A 62 12.30 41.24 19.21
CA ASN A 62 12.71 42.30 18.29
C ASN A 62 11.61 43.35 18.13
N LEU A 63 12.02 44.63 18.10
CA LEU A 63 11.11 45.77 17.91
C LEU A 63 11.33 46.42 16.56
N LYS A 64 10.25 46.60 15.80
CA LYS A 64 10.28 47.32 14.52
C LYS A 64 10.08 48.80 14.76
N SER A 65 10.99 49.62 14.23
CA SER A 65 10.97 51.07 14.42
C SER A 65 10.15 51.70 13.30
N PRO A 66 8.99 52.32 13.60
CA PRO A 66 8.00 52.63 12.54
C PRO A 66 8.42 53.74 11.60
N GLN A 67 8.67 54.92 12.15
CA GLN A 67 9.14 56.07 11.38
C GLN A 67 10.51 56.48 11.92
N THR A 68 11.33 57.09 11.06
CA THR A 68 12.64 57.57 11.51
C THR A 68 12.47 58.67 12.54
N GLY A 69 13.38 58.75 13.48
CA GLY A 69 13.22 59.80 14.47
C GLY A 69 13.75 59.34 15.82
N GLU A 70 13.13 59.86 16.87
CA GLU A 70 13.62 59.66 18.22
C GLU A 70 12.51 59.11 19.10
N TYR A 71 12.86 58.13 19.94
CA TYR A 71 11.94 57.45 20.84
C TYR A 71 12.51 57.41 22.25
N ARG A 72 11.66 57.70 23.23
CA ARG A 72 11.97 57.43 24.63
C ARG A 72 11.11 56.25 25.08
N LEU A 73 11.75 55.27 25.73
CA LEU A 73 11.12 54.00 26.05
C LEU A 73 10.85 53.93 27.55
N SER A 74 9.60 53.64 27.90
CA SER A 74 9.17 53.64 29.30
C SER A 74 8.31 52.41 29.56
N THR A 75 8.21 52.05 30.85
CA THR A 75 7.40 50.91 31.28
C THR A 75 6.50 51.28 32.45
N SER A 76 5.64 50.32 32.81
CA SER A 76 4.81 50.35 34.02
C SER A 76 5.65 50.56 35.25
N SER A 77 6.38 49.51 35.62
CA SER A 77 7.20 49.53 36.82
C SER A 77 8.67 49.72 36.40
N ASP A 78 8.95 50.90 35.84
CA ASP A 78 10.33 51.25 35.51
C ASP A 78 11.26 51.06 36.70
N GLU A 79 10.69 51.08 37.91
CA GLU A 79 11.45 50.81 39.12
C GLU A 79 12.19 49.47 39.07
N ASN A 80 11.54 48.43 38.50
CA ASN A 80 12.04 47.07 38.54
C ASN A 80 12.43 46.52 37.16
N VAL A 81 12.55 47.39 36.16
CA VAL A 81 12.80 47.00 34.77
C VAL A 81 14.20 47.42 34.39
N ILE A 82 14.98 46.48 33.86
CA ILE A 82 16.17 46.77 33.06
C ILE A 82 15.87 46.39 31.62
N LEU A 83 16.02 47.33 30.70
CA LEU A 83 15.75 47.08 29.28
C LEU A 83 16.92 47.54 28.43
N GLN A 84 17.57 46.59 27.77
CA GLN A 84 18.53 46.85 26.71
C GLN A 84 17.86 46.72 25.36
N ILE A 85 18.26 47.53 24.41
CA ILE A 85 18.01 47.21 23.01
C ILE A 85 19.34 47.23 22.31
N ASN A 86 19.63 46.18 21.55
CA ASN A 86 20.96 45.90 21.03
C ASN A 86 22.02 46.00 22.12
N GLY A 87 21.76 45.39 23.26
CA GLY A 87 22.78 45.31 24.29
C GLY A 87 22.94 46.58 25.09
N GLU A 88 22.67 47.74 24.48
CA GLU A 88 22.79 49.02 25.16
C GLU A 88 21.65 49.23 26.15
N THR A 89 22.00 49.37 27.43
CA THR A 89 20.99 49.61 28.46
C THR A 89 20.27 50.94 28.23
N VAL A 90 18.95 50.89 28.15
CA VAL A 90 18.11 52.08 27.94
C VAL A 90 17.31 52.44 29.18
N ILE A 91 16.73 51.45 29.86
CA ILE A 91 16.16 51.62 31.20
C ILE A 91 16.98 50.78 32.15
N ASN A 92 17.32 51.33 33.31
CA ASN A 92 18.04 50.58 34.32
C ASN A 92 17.54 50.96 35.71
N GLN A 93 16.29 50.56 36.02
CA GLN A 93 15.57 50.94 37.23
C GLN A 93 15.22 52.43 37.24
N ALA A 94 14.92 52.95 36.03
CA ALA A 94 14.58 54.35 35.80
C ALA A 94 15.69 55.28 36.28
N SER A 95 16.94 54.86 36.06
CA SER A 95 18.11 55.69 36.36
C SER A 95 18.59 56.49 35.16
N ILE A 96 18.03 56.25 33.97
CA ILE A 96 18.23 57.09 32.80
C ILE A 96 16.86 57.37 32.17
N GLN A 97 16.75 58.51 31.48
CA GLN A 97 15.67 58.71 30.51
C GLN A 97 16.14 58.46 29.09
N LYS A 98 17.46 58.49 28.86
CA LYS A 98 18.22 58.07 27.67
C LYS A 98 17.44 58.04 26.35
N ASN A 99 17.78 58.95 25.43
CA ASN A 99 17.08 59.05 24.16
C ASN A 99 17.66 58.08 23.14
N LEU A 100 16.82 57.65 22.19
CA LEU A 100 17.21 56.67 21.16
C LEU A 100 16.81 57.17 19.77
N LYS A 101 17.77 57.24 18.87
CA LYS A 101 17.52 57.61 17.48
C LYS A 101 17.44 56.33 16.66
N LEU A 102 16.25 56.02 16.17
CA LEU A 102 16.02 54.79 15.41
C LEU A 102 15.63 55.14 13.98
N GLU A 103 16.05 54.29 13.05
CA GLU A 103 15.75 54.42 11.62
C GLU A 103 14.44 53.71 11.30
N ALA A 104 13.82 54.11 10.20
CA ALA A 104 12.49 53.59 9.85
C ALA A 104 12.61 52.27 9.09
N ASN A 105 11.71 51.34 9.40
CA ASN A 105 11.63 49.98 8.87
C ASN A 105 12.80 49.11 9.33
N GLN A 106 13.59 49.58 10.30
CA GLN A 106 14.74 48.84 10.82
C GLN A 106 14.36 48.24 12.17
N VAL A 107 14.83 47.02 12.43
CA VAL A 107 14.44 46.26 13.61
C VAL A 107 15.60 46.22 14.60
N TYR A 108 15.27 46.09 15.89
CA TYR A 108 16.27 46.14 16.96
C TYR A 108 16.01 45.02 17.97
N GLU A 109 17.08 44.46 18.53
CA GLU A 109 16.97 43.38 19.52
C GLU A 109 16.52 43.97 20.86
N ILE A 110 15.71 43.19 21.59
CA ILE A 110 15.17 43.59 22.88
C ILE A 110 15.58 42.58 23.93
N LYS A 111 16.02 43.07 25.08
CA LYS A 111 16.25 42.23 26.23
C LYS A 111 15.67 42.97 27.42
N ILE A 112 14.58 42.45 27.99
CA ILE A 112 13.97 42.99 29.20
C ILE A 112 14.23 42.01 30.33
N GLU A 113 14.73 42.51 31.45
CA GLU A 113 14.72 41.76 32.69
C GLU A 113 13.79 42.46 33.67
N TYR A 114 13.32 41.74 34.70
CA TYR A 114 12.22 42.25 35.53
C TYR A 114 12.19 41.46 36.83
N ARG A 115 12.35 42.13 37.95
CA ARG A 115 12.66 41.47 39.21
C ARG A 115 12.12 42.25 40.41
N ASN A 116 11.75 41.52 41.47
CA ASN A 116 11.26 42.09 42.73
C ASN A 116 11.66 41.15 43.86
N THR A 117 12.58 41.57 44.75
CA THR A 117 13.10 40.68 45.80
C THR A 117 12.00 40.13 46.69
N SER A 118 10.93 40.90 46.87
CA SER A 118 9.67 40.43 47.44
C SER A 118 8.54 41.07 46.64
N ASN A 119 7.35 40.44 46.74
CA ASN A 119 6.17 40.73 45.92
C ASN A 119 6.26 40.04 44.55
N THR A 120 5.15 39.43 44.14
CA THR A 120 4.96 39.02 42.76
C THR A 120 4.88 40.25 41.85
N LEU A 121 5.32 40.09 40.59
CA LEU A 121 5.28 41.19 39.63
C LEU A 121 3.87 41.42 39.12
N PRO A 122 3.31 42.63 39.25
CA PRO A 122 2.15 43.00 38.44
C PRO A 122 2.57 43.12 36.98
N ASP A 123 1.58 43.17 36.09
CA ASP A 123 1.86 43.21 34.66
C ASP A 123 2.71 44.43 34.31
N LEU A 124 3.22 44.42 33.08
CA LEU A 124 4.27 45.34 32.65
C LEU A 124 3.86 45.93 31.30
N GLN A 125 4.08 47.23 31.11
CA GLN A 125 3.62 47.92 29.91
C GLN A 125 4.77 48.58 29.17
N LEU A 126 4.60 48.74 27.85
CA LEU A 126 5.66 49.24 26.98
C LEU A 126 5.19 50.47 26.20
N PHE A 127 5.96 51.56 26.30
CA PHE A 127 5.49 52.89 25.88
C PHE A 127 6.43 53.57 24.88
N TRP A 128 5.81 54.30 23.94
CA TRP A 128 6.49 55.08 22.90
C TRP A 128 6.77 56.52 23.37
N SER A 129 7.05 57.40 22.39
CA SER A 129 7.17 58.86 22.39
C SER A 129 8.05 59.27 21.21
N MET A 130 7.83 60.47 20.65
CA MET A 130 8.79 61.08 19.71
C MET A 130 9.09 62.51 20.18
N ASN A 131 8.15 63.13 20.89
CA ASN A 131 8.39 64.35 21.64
C ASN A 131 9.49 64.11 22.69
N LYS A 135 4.01 60.76 25.72
CA LYS A 135 3.99 59.29 25.78
C LYS A 135 3.07 58.66 24.74
N GLU A 136 2.91 57.34 24.89
CA GLU A 136 1.99 56.46 24.14
C GLU A 136 2.19 55.01 24.61
N GLN A 137 1.69 54.02 23.86
CA GLN A 137 1.88 52.60 24.19
C GLN A 137 2.07 51.78 22.93
N ILE A 138 3.10 50.94 22.92
CA ILE A 138 3.66 50.37 21.70
C ILE A 138 2.66 49.44 21.01
N PRO A 139 2.23 49.78 19.80
CA PRO A 139 1.29 48.91 19.08
C PRO A 139 1.86 47.51 18.90
N GLU A 140 1.00 46.51 19.07
CA GLU A 140 1.44 45.14 18.86
C GLU A 140 2.01 44.92 17.46
N LYS A 141 1.73 45.82 16.52
CA LYS A 141 2.22 45.67 15.15
C LYS A 141 3.75 45.62 15.10
N TYR A 142 4.40 46.44 15.94
CA TYR A 142 5.84 46.68 15.88
C TYR A 142 6.62 45.85 16.90
N ILE A 143 6.02 44.77 17.41
CA ILE A 143 6.65 43.91 18.40
C ILE A 143 6.74 42.52 17.81
N LEU A 144 7.97 42.06 17.58
CA LEU A 144 8.27 40.90 16.75
C LEU A 144 8.99 39.82 17.56
N SER A 145 9.14 38.63 16.91
CA SER A 145 9.73 37.46 17.55
C SER A 145 11.25 37.53 17.51
N PRO A 146 11.94 36.83 18.42
CA PRO A 146 13.39 36.74 18.31
C PRO A 146 13.78 36.01 17.04
N ASN A 147 14.79 36.52 16.35
CA ASN A 147 15.21 35.86 15.12
C ASN A 147 15.86 34.53 15.46
N PHE A 148 15.13 33.44 15.20
CA PHE A 148 15.43 32.16 15.81
C PHE A 148 16.56 31.44 15.10
N SER A 149 16.66 31.58 13.78
CA SER A 149 17.64 30.84 12.99
C SER A 149 19.08 31.36 13.16
N GLU A 150 19.25 32.58 13.67
CA GLU A 150 20.53 33.24 13.79
C GLU A 150 20.89 33.63 15.20
N LYS A 151 19.95 33.59 16.13
CA LYS A 151 20.34 33.40 17.52
C LYS A 151 20.68 31.96 17.80
N ALA A 152 20.80 31.14 16.75
CA ALA A 152 21.00 29.70 16.83
C ALA A 152 22.40 29.36 16.37
N ASN A 153 23.21 28.89 17.32
CA ASN A 153 24.54 28.29 17.08
C ASN A 153 25.56 29.36 16.60
N SER A 154 25.65 30.46 17.39
CA SER A 154 26.54 31.61 17.15
C SER A 154 27.11 32.09 18.50
N LEU A 155 27.98 33.10 18.46
CA LEU A 155 28.51 33.68 19.71
C LEU A 155 29.03 35.11 19.46
N ALA A 156 28.96 35.93 20.51
CA ALA A 156 29.43 37.33 20.52
C ALA A 156 28.76 38.21 19.47
N THR A 160 25.63 38.07 18.45
CA THR A 160 24.33 37.77 19.08
C THR A 160 24.45 37.59 20.60
N GLN A 161 23.35 37.81 21.34
CA GLN A 161 23.37 37.54 22.77
C GLN A 161 22.40 36.41 23.11
N SER A 162 22.74 35.75 24.22
CA SER A 162 22.20 34.47 24.62
C SER A 162 20.81 34.59 25.25
N PHE A 163 20.04 33.50 25.13
CA PHE A 163 18.72 33.36 25.71
C PHE A 163 18.78 33.01 27.20
N PHE A 164 19.82 32.26 27.60
CA PHE A 164 19.99 31.80 28.97
C PHE A 164 21.36 32.23 29.50
N PRO A 165 21.65 33.53 29.49
CA PRO A 165 22.95 33.98 29.94
C PRO A 165 23.03 33.87 31.45
N ASN A 166 24.19 33.44 31.95
CA ASN A 166 24.31 33.23 33.38
C ASN A 166 24.40 34.53 34.19
N TYR A 167 24.80 35.65 33.59
CA TYR A 167 25.09 36.83 34.42
C TYR A 167 23.82 37.46 35.02
N ASN A 168 22.88 37.94 34.18
CA ASN A 168 21.52 38.38 34.53
C ASN A 168 21.37 39.89 34.83
N LEU A 169 22.44 40.59 35.21
CA LEU A 169 22.47 42.07 35.26
C LEU A 169 21.46 42.69 36.23
N PHE A 170 21.09 41.92 37.27
CA PHE A 170 20.37 42.41 38.47
C PHE A 170 19.25 43.47 38.20
N SER A 183 21.40 27.77 40.04
CA SER A 183 22.72 28.01 39.44
C SER A 183 22.63 28.45 37.97
N THR A 184 21.45 28.97 37.56
CA THR A 184 21.07 29.48 36.23
C THR A 184 21.05 28.38 35.19
N PRO A 185 19.97 28.25 34.41
CA PRO A 185 19.89 27.19 33.41
C PRO A 185 20.93 27.32 32.31
N VAL A 186 21.36 26.19 31.81
CA VAL A 186 22.19 26.11 30.62
C VAL A 186 21.30 25.75 29.45
N ASP A 187 21.59 26.33 28.30
CA ASP A 187 20.96 25.93 27.04
C ASP A 187 22.03 26.09 25.97
N THR A 188 22.60 24.96 25.54
CA THR A 188 23.76 25.00 24.65
C THR A 188 23.38 25.40 23.23
N ASP A 189 22.20 24.99 22.76
CA ASP A 189 21.77 25.32 21.40
C ASP A 189 21.64 26.82 21.17
N ASN A 190 21.01 27.53 22.12
CA ASN A 190 20.34 28.82 21.90
C ASN A 190 19.07 28.72 21.05
N ASP A 191 18.36 27.61 21.10
CA ASP A 191 16.98 27.54 20.64
C ASP A 191 15.99 27.82 21.78
N CYS A 192 16.45 28.50 22.83
CA CYS A 192 15.76 28.75 24.10
C CYS A 192 14.92 27.59 24.63
N ILE A 193 15.42 26.37 24.50
CA ILE A 193 14.91 25.29 25.33
C ILE A 193 16.07 24.81 26.19
N PRO A 194 16.00 24.96 27.51
CA PRO A 194 17.14 24.57 28.36
C PRO A 194 17.62 23.16 28.09
N ASP A 195 18.89 22.92 28.43
CA ASP A 195 19.45 21.59 28.19
C ASP A 195 18.65 20.55 28.95
N GLU A 196 18.43 20.79 30.25
CA GLU A 196 17.83 19.76 31.08
C GLU A 196 16.39 19.51 30.70
N TRP A 197 15.76 20.47 30.00
CA TRP A 197 14.41 20.27 29.48
C TRP A 197 14.41 19.42 28.21
N GLU A 198 15.30 19.75 27.26
CA GLU A 198 15.34 18.96 26.04
C GLU A 198 15.60 17.50 26.36
N GLU A 199 16.47 17.22 27.32
CA GLU A 199 16.72 15.83 27.69
C GLU A 199 15.51 15.24 28.41
N LYS A 200 15.08 15.85 29.53
CA LYS A 200 14.12 15.18 30.43
C LYS A 200 12.70 15.14 29.84
N GLY A 201 12.36 16.08 28.97
CA GLY A 201 11.01 16.09 28.44
C GLY A 201 10.26 17.36 28.74
N TYR A 202 9.47 17.81 27.78
CA TYR A 202 8.70 19.03 27.93
C TYR A 202 7.49 18.90 27.03
N THR A 203 6.63 19.89 27.05
CA THR A 203 5.53 19.91 26.10
C THR A 203 5.13 21.36 25.88
N PHE A 204 4.00 21.55 25.21
CA PHE A 204 3.56 22.89 24.84
C PHE A 204 2.09 22.96 25.16
N ARG A 205 1.74 23.50 26.33
CA ARG A 205 0.35 23.60 26.77
C ARG A 205 0.01 25.04 27.14
N ASN A 206 -1.12 25.51 26.61
CA ASN A 206 -1.59 26.89 26.81
C ASN A 206 -0.60 27.90 26.22
N GLN A 207 -0.26 27.68 24.94
CA GLN A 207 0.78 28.36 24.17
C GLN A 207 1.97 28.80 25.03
N GLN A 208 2.44 27.92 25.92
CA GLN A 208 3.75 28.06 26.55
C GLN A 208 4.41 26.70 26.66
N ILE A 209 5.74 26.72 26.84
CA ILE A 209 6.56 25.51 26.98
C ILE A 209 6.80 25.27 28.47
N VAL A 210 6.49 24.07 28.92
CA VAL A 210 6.58 23.72 30.34
C VAL A 210 7.18 22.34 30.47
N PRO A 211 7.88 22.09 31.56
CA PRO A 211 8.44 20.76 31.78
C PRO A 211 7.34 19.75 31.94
N TRP A 212 7.53 18.59 31.31
CA TRP A 212 6.45 17.62 31.12
C TRP A 212 6.34 16.71 32.32
N ASN A 213 5.15 16.62 32.90
CA ASN A 213 4.84 15.61 33.90
C ASN A 213 3.60 14.81 33.47
N ASP A 214 3.59 13.54 33.88
CA ASP A 214 2.84 12.51 33.14
C ASP A 214 1.35 12.79 33.14
N ALA A 215 0.89 13.67 34.04
CA ALA A 215 -0.51 14.05 34.03
C ALA A 215 -0.92 14.49 32.62
N TYR A 216 -0.09 15.33 31.99
CA TYR A 216 -0.50 15.99 30.78
C TYR A 216 -0.83 14.99 29.68
N SER A 217 -0.35 13.75 29.80
CA SER A 217 -0.61 12.82 28.72
C SER A 217 -2.09 12.46 28.65
N ALA A 218 -2.78 12.42 29.79
CA ALA A 218 -4.22 12.13 29.75
C ALA A 218 -5.02 13.31 29.21
N GLU A 219 -4.42 14.49 29.11
CA GLU A 219 -5.11 15.61 28.50
C GLU A 219 -4.93 15.63 26.99
N GLY A 220 -4.01 14.85 26.45
CA GLY A 220 -3.69 14.85 25.02
C GLY A 220 -2.34 15.44 24.67
N TYR A 221 -1.63 16.02 25.64
CA TYR A 221 -0.33 16.61 25.36
C TYR A 221 0.71 15.52 25.15
N LYS A 222 1.62 15.79 24.21
CA LYS A 222 2.66 14.86 23.85
C LYS A 222 3.92 15.22 24.60
N LYS A 223 4.78 14.22 24.82
CA LYS A 223 6.03 14.42 25.54
C LYS A 223 7.13 14.65 24.52
N TYR A 224 7.56 15.89 24.37
CA TYR A 224 8.63 16.22 23.45
C TYR A 224 9.98 15.99 24.12
N VAL A 225 10.92 15.39 23.37
CA VAL A 225 12.33 15.41 23.69
C VAL A 225 13.09 15.75 22.44
N SER A 226 14.33 16.20 22.63
CA SER A 226 15.09 16.72 21.52
C SER A 226 16.56 16.75 21.89
N ASN A 227 17.37 17.26 20.95
CA ASN A 227 18.82 17.27 21.07
C ASN A 227 19.26 18.55 21.75
N PRO A 228 19.90 18.48 22.92
CA PRO A 228 20.31 19.69 23.62
C PRO A 228 21.53 20.39 23.02
N TYR A 229 22.04 19.93 21.86
CA TYR A 229 23.24 20.50 21.27
C TYR A 229 23.10 20.92 19.82
N HIS A 230 22.14 20.39 19.05
CA HIS A 230 21.75 21.01 17.78
C HIS A 230 20.47 21.81 17.96
N ALA A 231 20.35 22.92 17.24
CA ALA A 231 19.07 23.63 17.26
C ALA A 231 18.04 22.98 16.34
N ARG A 232 18.47 22.12 15.41
CA ARG A 232 17.56 21.46 14.48
C ARG A 232 17.78 19.95 14.56
N THR A 233 17.16 19.31 15.54
CA THR A 233 17.43 17.90 15.81
C THR A 233 17.26 17.04 14.56
N VAL A 234 16.18 17.26 13.82
CA VAL A 234 15.86 16.49 12.63
C VAL A 234 16.29 17.24 11.36
N LYS A 235 17.10 18.29 11.52
CA LYS A 235 17.74 18.99 10.40
C LYS A 235 16.71 19.54 9.41
N ASP A 236 15.61 20.04 9.90
CA ASP A 236 14.67 20.61 8.95
C ASP A 236 14.69 22.13 9.09
N PRO A 237 13.87 22.92 8.37
CA PRO A 237 14.16 24.35 8.28
C PRO A 237 13.97 25.10 9.58
N TYR A 238 13.16 24.59 10.48
CA TYR A 238 12.80 25.29 11.70
C TYR A 238 13.56 24.74 12.90
N THR A 239 13.97 25.64 13.79
CA THR A 239 14.61 25.23 15.03
C THR A 239 13.64 24.39 15.86
N ASP A 240 14.19 23.66 16.83
CA ASP A 240 13.32 22.88 17.67
C ASP A 240 12.21 23.75 18.23
N PHE A 241 12.57 24.95 18.68
CA PHE A 241 11.60 25.88 19.26
C PHE A 241 10.53 26.27 18.26
N GLU A 242 10.93 26.75 17.08
CA GLU A 242 9.94 27.15 16.07
C GLU A 242 8.95 26.02 15.83
N LYS A 243 9.44 24.80 15.67
CA LYS A 243 8.59 23.62 15.49
C LYS A 243 7.60 23.47 16.65
N VAL A 244 8.10 23.19 17.87
CA VAL A 244 7.23 22.85 19.00
C VAL A 244 6.23 23.96 19.32
N THR A 245 6.62 25.23 19.12
CA THR A 245 5.72 26.37 19.22
C THR A 245 4.78 26.45 18.02
N GLY A 246 5.04 27.35 17.09
CA GLY A 246 4.20 27.44 15.92
C GLY A 246 4.79 28.28 14.81
N HIS A 247 6.04 28.72 14.94
CA HIS A 247 6.61 29.60 13.92
C HIS A 247 6.78 28.88 12.57
N MET A 248 5.80 28.09 12.17
CA MET A 248 5.81 27.38 10.88
C MET A 248 4.56 27.80 10.12
N PRO A 249 4.46 27.48 8.83
CA PRO A 249 3.21 27.75 8.11
C PRO A 249 2.01 27.05 8.73
N ALA A 250 0.85 27.70 8.63
CA ALA A 250 -0.38 27.17 9.22
C ALA A 250 -0.81 25.85 8.58
N ALA A 251 -0.44 25.59 7.33
CA ALA A 251 -0.85 24.38 6.63
C ALA A 251 -0.01 23.15 6.97
N THR A 252 0.81 23.20 8.03
CA THR A 252 1.72 22.11 8.42
C THR A 252 0.99 21.16 9.37
N LYS A 253 1.24 19.86 9.21
CA LYS A 253 0.53 18.87 10.02
C LYS A 253 1.00 18.96 11.46
N TYR A 254 0.09 18.67 12.41
CA TYR A 254 0.46 18.87 13.81
C TYR A 254 1.64 18.00 14.19
N GLU A 255 1.73 16.78 13.62
CA GLU A 255 2.90 15.90 13.70
C GLU A 255 4.20 16.68 13.78
N ALA A 256 4.45 17.54 12.78
CA ALA A 256 5.68 18.29 12.63
C ALA A 256 5.94 19.30 13.72
N ARG A 257 5.15 19.38 14.80
CA ARG A 257 5.56 20.19 15.93
C ARG A 257 6.55 19.44 16.82
N ASP A 258 6.58 18.13 16.74
CA ASP A 258 7.56 17.33 17.46
C ASP A 258 8.97 17.58 16.88
N PRO A 259 9.95 17.95 17.71
CA PRO A 259 11.30 18.21 17.19
C PRO A 259 11.83 17.05 16.37
N LEU A 260 11.21 15.89 16.51
CA LEU A 260 11.72 14.65 15.97
C LEU A 260 11.09 14.24 14.64
N VAL A 261 9.89 14.71 14.33
CA VAL A 261 9.35 14.44 13.01
C VAL A 261 9.51 15.71 12.20
N ALA A 262 9.83 15.56 10.92
CA ALA A 262 10.30 16.67 10.13
C ALA A 262 9.17 17.34 9.36
N ALA A 263 9.28 18.65 9.19
CA ALA A 263 8.55 19.29 8.10
C ALA A 263 9.19 18.86 6.80
N TYR A 264 8.44 18.19 5.94
CA TYR A 264 8.98 17.51 4.77
C TYR A 264 7.90 17.09 3.78
N PRO A 265 7.94 17.58 2.54
CA PRO A 265 6.82 17.36 1.62
C PRO A 265 6.98 16.06 0.83
N SER A 266 5.81 15.57 0.32
CA SER A 266 5.79 14.36 -0.51
C SER A 266 4.77 14.54 -1.63
N VAL A 267 5.14 15.31 -2.65
CA VAL A 267 4.25 15.65 -3.75
C VAL A 267 4.29 14.55 -4.80
N GLY A 268 3.12 13.99 -5.11
CA GLY A 268 3.05 12.93 -6.09
C GLY A 268 1.83 13.11 -6.97
N VAL A 269 1.50 12.13 -7.80
CA VAL A 269 0.30 12.28 -8.62
C VAL A 269 -0.21 10.91 -8.99
N GLY A 270 -1.49 10.66 -8.68
CA GLY A 270 -2.14 9.44 -9.08
C GLY A 270 -3.10 9.62 -10.25
N MET A 271 -3.43 8.54 -10.95
CA MET A 271 -4.28 8.62 -12.12
C MET A 271 -5.69 8.18 -11.77
N GLU A 272 -6.69 8.92 -12.28
CA GLU A 272 -8.09 8.65 -12.04
C GLU A 272 -8.81 8.09 -13.26
N LYS A 273 -8.64 8.71 -14.42
CA LYS A 273 -9.17 8.15 -15.65
C LYS A 273 -8.06 8.07 -16.69
N LEU A 274 -8.07 6.99 -17.46
CA LEU A 274 -7.18 6.82 -18.58
C LEU A 274 -8.04 6.72 -19.84
N HIS A 275 -7.90 7.69 -20.75
CA HIS A 275 -8.61 7.61 -22.02
C HIS A 275 -7.64 7.16 -23.11
N PHE A 276 -8.17 6.64 -24.20
CA PHE A 276 -7.31 6.21 -25.31
C PHE A 276 -8.10 6.11 -26.60
N SER A 277 -7.64 6.81 -27.62
CA SER A 277 -8.29 7.00 -28.91
C SER A 277 -7.57 6.22 -30.00
N LYS A 278 -8.15 6.21 -31.20
CA LYS A 278 -7.42 5.75 -32.38
C LYS A 278 -6.60 6.87 -33.00
N ASN A 279 -7.03 8.12 -32.81
CA ASN A 279 -6.40 9.31 -33.35
C ASN A 279 -5.79 10.16 -32.23
N ASP A 280 -4.85 11.01 -32.62
CA ASP A 280 -4.11 11.88 -31.70
C ASP A 280 -4.99 12.95 -31.04
N THR A 281 -6.30 12.78 -31.11
CA THR A 281 -7.20 13.70 -30.44
C THR A 281 -7.91 12.97 -29.29
N VAL A 282 -7.12 12.47 -28.36
CA VAL A 282 -7.64 11.70 -27.24
C VAL A 282 -8.16 12.64 -26.18
N THR A 283 -9.39 13.09 -26.32
CA THR A 283 -10.00 13.93 -25.29
C THR A 283 -11.31 13.29 -24.84
N GLU A 284 -11.51 13.26 -23.53
CA GLU A 284 -12.67 12.60 -22.95
C GLU A 284 -13.95 13.29 -23.43
N GLY A 285 -14.92 12.47 -23.80
CA GLY A 285 -16.14 13.00 -24.37
C GLY A 285 -15.92 13.27 -25.84
N ASN A 286 -16.05 12.23 -26.67
CA ASN A 286 -15.65 12.28 -28.07
C ASN A 286 -15.91 10.92 -28.75
N ALA A 287 -16.11 10.93 -30.06
CA ALA A 287 -16.14 9.68 -30.81
C ALA A 287 -14.73 9.11 -30.93
N ASP A 288 -14.64 7.78 -30.87
CA ASP A 288 -13.34 7.07 -30.95
C ASP A 288 -12.41 7.40 -29.78
N THR A 289 -12.97 7.76 -28.62
CA THR A 289 -12.18 8.07 -27.41
C THR A 289 -12.77 7.31 -26.21
N LYS A 290 -12.36 6.05 -26.02
CA LYS A 290 -12.77 5.26 -24.86
C LYS A 290 -12.12 5.79 -23.59
N SER A 291 -12.82 5.65 -22.45
CA SER A 291 -12.33 6.20 -21.18
C SER A 291 -12.55 5.20 -20.04
N LYS A 292 -11.47 4.81 -19.38
CA LYS A 292 -11.47 3.80 -18.34
C LYS A 292 -11.10 4.43 -16.99
N THR A 293 -11.60 3.84 -15.91
CA THR A 293 -11.36 4.42 -14.60
C THR A 293 -10.27 3.65 -13.87
N THR A 294 -9.52 4.39 -13.04
CA THR A 294 -8.31 3.88 -12.43
C THR A 294 -8.18 4.45 -11.01
N THR A 295 -7.25 3.88 -10.23
CA THR A 295 -7.07 4.23 -8.83
C THR A 295 -5.61 4.13 -8.43
N LYS A 296 -5.12 5.15 -7.71
CA LYS A 296 -3.76 5.05 -7.19
C LYS A 296 -3.66 3.97 -6.11
N THR A 297 -2.53 3.25 -6.09
CA THR A 297 -2.22 2.23 -5.09
C THR A 297 -0.74 2.33 -4.73
N ASP A 298 -0.43 2.22 -3.44
CA ASP A 298 0.96 2.26 -3.00
C ASP A 298 1.76 1.12 -3.65
N THR A 299 2.92 1.46 -4.23
CA THR A 299 3.70 0.47 -4.98
C THR A 299 4.41 -0.53 -4.08
N THR A 300 4.85 -0.09 -2.89
CA THR A 300 5.51 -1.00 -1.97
C THR A 300 4.69 -2.27 -1.72
N THR A 301 3.41 -2.10 -1.36
CA THR A 301 2.65 -3.28 -1.00
C THR A 301 2.32 -4.08 -2.25
N ASN A 302 2.14 -3.42 -3.38
CA ASN A 302 1.70 -4.13 -4.58
C ASN A 302 2.81 -4.93 -5.22
N THR A 303 3.98 -4.95 -4.60
CA THR A 303 5.12 -5.69 -5.08
C THR A 303 5.61 -6.69 -4.05
N VAL A 304 4.89 -6.86 -2.94
CA VAL A 304 5.16 -7.96 -2.02
C VAL A 304 4.79 -9.28 -2.67
N GLU A 305 5.74 -10.22 -2.72
CA GLU A 305 5.50 -11.58 -3.20
C GLU A 305 5.23 -12.46 -2.00
N ILE A 306 4.07 -13.13 -1.97
CA ILE A 306 3.50 -13.61 -0.71
C ILE A 306 4.49 -14.52 0.03
N GLY A 307 4.95 -15.57 -0.62
CA GLY A 307 5.82 -16.52 0.07
C GLY A 307 5.22 -17.90 0.27
N GLY A 308 5.34 -18.47 1.48
CA GLY A 308 5.04 -19.88 1.66
C GLY A 308 4.29 -20.32 2.91
N SER A 309 4.29 -19.45 3.94
CA SER A 309 3.44 -19.42 5.14
C SER A 309 4.11 -20.10 6.33
N LEU A 310 4.01 -19.42 7.48
CA LEU A 310 4.81 -19.60 8.69
C LEU A 310 4.18 -20.54 9.72
N GLY A 311 2.86 -20.44 9.92
CA GLY A 311 2.06 -21.33 10.75
C GLY A 311 2.61 -21.88 12.05
N PHE A 312 2.39 -21.17 13.15
CA PHE A 312 2.80 -21.60 14.49
C PHE A 312 4.32 -21.62 14.61
N SER A 313 4.86 -20.55 15.17
CA SER A 313 6.27 -20.41 15.46
C SER A 313 6.38 -19.45 16.63
N ASP A 314 7.50 -19.45 17.32
CA ASP A 314 7.62 -18.55 18.45
C ASP A 314 8.18 -17.21 17.98
N LYS A 315 8.61 -16.36 18.92
CA LYS A 315 9.20 -15.06 18.60
C LYS A 315 8.13 -14.16 17.96
N GLY A 316 6.98 -14.04 18.65
CA GLY A 316 5.70 -13.64 18.08
C GLY A 316 5.62 -12.40 17.23
N PHE A 317 6.18 -12.45 16.02
CA PHE A 317 6.03 -11.36 15.08
C PHE A 317 6.18 -11.87 13.66
N SER A 318 5.39 -11.29 12.77
CA SER A 318 5.51 -11.39 11.33
C SER A 318 6.05 -10.06 10.85
N PHE A 319 5.87 -9.77 9.56
CA PHE A 319 6.87 -9.03 8.82
C PHE A 319 6.64 -9.21 7.34
N SER A 320 7.14 -8.30 6.53
CA SER A 320 6.97 -8.44 5.09
C SER A 320 8.10 -7.66 4.45
N ILE A 321 8.58 -8.14 3.30
CA ILE A 321 9.71 -7.54 2.61
C ILE A 321 9.26 -7.08 1.24
N SER A 322 9.57 -5.87 0.90
CA SER A 322 9.31 -5.65 -0.51
C SER A 322 10.62 -5.55 -1.28
N PRO A 323 10.66 -6.07 -2.48
CA PRO A 323 11.86 -5.89 -3.30
C PRO A 323 11.93 -4.46 -3.79
N LYS A 324 10.87 -4.06 -4.49
CA LYS A 324 10.74 -2.75 -5.10
C LYS A 324 10.11 -1.75 -4.12
N TYR A 325 10.80 -1.49 -3.01
CA TYR A 325 10.26 -0.58 -1.98
C TYR A 325 10.27 0.85 -2.50
N THR A 326 9.10 1.44 -2.68
CA THR A 326 8.91 2.70 -3.38
C THR A 326 8.35 3.75 -2.44
N HIS A 327 8.99 4.91 -2.36
CA HIS A 327 8.46 6.01 -1.55
C HIS A 327 7.12 6.48 -2.13
N SER A 328 6.19 6.84 -1.23
CA SER A 328 4.78 7.01 -1.62
C SER A 328 4.52 8.24 -2.50
N TRP A 329 5.51 9.08 -2.75
CA TRP A 329 5.33 10.15 -3.75
C TRP A 329 5.45 9.58 -5.15
N SER A 330 5.06 8.33 -5.33
CA SER A 330 5.33 7.68 -6.58
C SER A 330 4.30 6.55 -6.69
N SER A 331 3.19 6.87 -7.33
CA SER A 331 2.02 6.01 -7.26
C SER A 331 2.07 4.96 -8.34
N SER A 332 1.65 3.76 -7.98
CA SER A 332 1.27 2.71 -8.91
C SER A 332 -0.21 2.91 -9.25
N THR A 333 -0.62 2.48 -10.41
CA THR A 333 -1.99 2.68 -10.86
C THR A 333 -2.65 1.35 -11.15
N SER A 334 -3.89 1.24 -10.67
CA SER A 334 -4.68 0.03 -10.72
C SER A 334 -5.77 0.16 -11.76
N VAL A 335 -6.02 -0.90 -12.52
CA VAL A 335 -7.09 -0.92 -13.52
C VAL A 335 -7.94 -2.15 -13.22
N ALA A 336 -9.25 -2.06 -13.48
CA ALA A 336 -10.15 -3.20 -13.30
C ALA A 336 -10.56 -3.74 -14.67
N ASP A 337 -10.25 -5.02 -14.92
CA ASP A 337 -10.61 -5.68 -16.18
C ASP A 337 -12.04 -6.21 -16.11
N THR A 338 -12.96 -5.35 -15.66
CA THR A 338 -14.38 -5.66 -15.79
C THR A 338 -14.74 -5.89 -17.26
N ASP A 339 -14.06 -5.17 -18.17
CA ASP A 339 -14.44 -5.08 -19.57
C ASP A 339 -14.65 -6.44 -20.22
N SER A 340 -15.49 -6.45 -21.24
CA SER A 340 -15.89 -7.66 -21.92
C SER A 340 -14.96 -8.02 -23.09
N THR A 341 -14.16 -7.07 -23.56
CA THR A 341 -13.42 -7.23 -24.79
C THR A 341 -12.11 -6.43 -24.72
N THR A 342 -11.03 -6.97 -25.32
CA THR A 342 -9.76 -6.27 -25.36
C THR A 342 -9.94 -4.82 -25.80
N TRP A 343 -9.13 -3.92 -25.24
CA TRP A 343 -9.27 -2.50 -25.57
C TRP A 343 -8.72 -2.15 -26.95
N SER A 344 -7.76 -2.92 -27.46
CA SER A 344 -7.32 -2.66 -28.83
C SER A 344 -8.44 -2.95 -29.82
N SER A 345 -9.25 -3.97 -29.54
CA SER A 345 -10.46 -4.20 -30.35
C SER A 345 -11.52 -3.14 -30.10
N GLN A 346 -11.54 -2.57 -28.88
CA GLN A 346 -12.54 -1.55 -28.56
C GLN A 346 -12.38 -0.29 -29.40
N ILE A 347 -11.17 0.03 -29.87
CA ILE A 347 -10.94 1.21 -30.71
C ILE A 347 -10.59 0.87 -32.15
N GLY A 348 -10.30 -0.40 -32.45
CA GLY A 348 -10.08 -0.82 -33.81
C GLY A 348 -8.69 -0.54 -34.33
N ILE A 349 -7.67 -0.92 -33.57
CA ILE A 349 -6.29 -0.81 -34.04
C ILE A 349 -5.69 -2.20 -34.00
N ASN A 350 -4.77 -2.44 -34.93
CA ASN A 350 -4.16 -3.76 -35.09
C ASN A 350 -2.74 -3.76 -34.54
N THR A 351 -2.02 -4.85 -34.81
CA THR A 351 -0.68 -5.04 -34.27
C THR A 351 0.22 -3.81 -34.47
N ALA A 352 0.33 -3.31 -35.70
CA ALA A 352 1.29 -2.26 -36.02
C ALA A 352 0.71 -0.85 -36.05
N GLU A 353 -0.57 -0.68 -35.76
CA GLU A 353 -1.12 0.66 -35.60
C GLU A 353 -0.98 1.10 -34.15
N ARG A 354 -0.78 2.40 -33.95
CA ARG A 354 -0.54 2.94 -32.62
C ARG A 354 -1.80 3.53 -32.04
N ALA A 355 -1.82 3.62 -30.72
CA ALA A 355 -3.00 3.98 -29.93
C ALA A 355 -2.67 5.23 -29.12
N TYR A 356 -3.11 6.39 -29.61
CA TYR A 356 -2.90 7.63 -28.88
C TYR A 356 -3.66 7.59 -27.56
N LEU A 357 -3.13 8.26 -26.53
CA LEU A 357 -3.87 8.25 -25.27
C LEU A 357 -3.50 9.45 -24.41
N ASN A 358 -4.27 9.62 -23.34
CA ASN A 358 -4.39 10.82 -22.53
C ASN A 358 -5.02 10.38 -21.21
N ALA A 359 -4.91 11.22 -20.18
CA ALA A 359 -5.36 10.77 -18.87
C ALA A 359 -5.76 11.94 -17.98
N ASN A 360 -6.45 11.60 -16.89
CA ASN A 360 -6.92 12.54 -15.88
C ASN A 360 -6.24 12.20 -14.56
N VAL A 361 -5.69 13.20 -13.87
CA VAL A 361 -4.80 12.96 -12.74
C VAL A 361 -5.15 13.91 -11.61
N ARG A 362 -4.53 13.64 -10.46
CA ARG A 362 -4.69 14.44 -9.25
C ARG A 362 -3.37 14.45 -8.48
N TYR A 363 -2.92 15.63 -8.06
CA TYR A 363 -1.68 15.81 -7.34
C TYR A 363 -1.95 15.81 -5.85
N TYR A 364 -1.22 15.01 -5.08
CA TYR A 364 -1.37 15.00 -3.63
C TYR A 364 -0.07 15.34 -2.96
N ASN A 365 -0.16 15.70 -1.69
CA ASN A 365 1.01 15.99 -0.89
C ASN A 365 0.95 15.15 0.37
N GLY A 366 1.55 13.96 0.33
CA GLY A 366 1.48 12.99 1.42
C GLY A 366 2.28 13.41 2.63
N GLY A 367 2.90 14.58 2.55
CA GLY A 367 3.87 14.99 3.53
C GLY A 367 3.27 15.59 4.80
N THR A 368 4.08 16.39 5.47
CA THR A 368 3.65 17.19 6.60
C THR A 368 3.85 18.68 6.39
N ALA A 369 4.46 19.08 5.28
CA ALA A 369 4.73 20.49 5.12
C ALA A 369 4.14 21.00 3.82
N PRO A 370 3.66 22.24 3.81
CA PRO A 370 3.21 22.84 2.55
C PRO A 370 4.42 23.19 1.71
N ILE A 371 4.38 22.83 0.42
CA ILE A 371 5.46 23.20 -0.51
C ILE A 371 4.96 24.36 -1.34
N TYR A 372 5.86 25.28 -1.71
CA TYR A 372 5.48 26.52 -2.38
C TYR A 372 6.27 26.71 -3.68
N ASP A 373 5.66 27.44 -4.61
CA ASP A 373 6.20 27.68 -5.97
C ASP A 373 6.78 26.39 -6.55
N LEU A 374 5.90 25.41 -6.72
CA LEU A 374 6.36 24.09 -7.08
C LEU A 374 6.45 23.93 -8.58
N LYS A 375 7.21 22.95 -8.99
CA LYS A 375 7.28 22.65 -10.41
C LYS A 375 7.69 21.19 -10.55
N PRO A 376 6.75 20.26 -10.39
CA PRO A 376 7.10 18.84 -10.49
C PRO A 376 7.09 18.35 -11.94
N THR A 377 8.17 17.69 -12.35
CA THR A 377 8.13 16.94 -13.59
C THR A 377 7.91 15.46 -13.23
N THR A 378 7.09 14.79 -14.03
CA THR A 378 6.43 13.53 -13.68
C THR A 378 6.60 12.51 -14.80
N ASN A 379 6.89 11.27 -14.42
CA ASN A 379 7.24 10.24 -15.39
C ASN A 379 6.30 9.05 -15.29
N PHE A 380 5.55 8.80 -16.35
CA PHE A 380 4.68 7.66 -16.44
C PHE A 380 5.48 6.49 -17.01
N VAL A 381 5.58 5.39 -16.27
CA VAL A 381 6.42 4.28 -16.70
C VAL A 381 5.70 2.95 -16.58
N PHE A 382 6.22 1.96 -17.32
CA PHE A 382 5.82 0.58 -17.14
C PHE A 382 6.58 -0.02 -15.98
N GLN A 383 5.86 -0.79 -15.16
CA GLN A 383 6.50 -1.31 -13.94
C GLN A 383 7.62 -2.26 -14.29
N ASN A 384 7.31 -3.26 -15.11
CA ASN A 384 8.18 -4.42 -15.16
C ASN A 384 9.29 -4.23 -16.19
N SER A 385 9.00 -3.55 -17.29
CA SER A 385 10.01 -3.10 -18.26
C SER A 385 10.11 -1.59 -18.16
N GLY A 386 10.90 -1.10 -17.20
CA GLY A 386 10.84 0.31 -16.82
C GLY A 386 10.75 1.41 -17.87
N ASP A 387 10.17 1.13 -19.03
CA ASP A 387 10.11 2.06 -20.16
C ASP A 387 9.24 3.26 -19.85
N SER A 388 9.69 4.45 -20.24
CA SER A 388 8.86 5.64 -20.10
C SER A 388 7.72 5.63 -21.13
N ILE A 389 6.63 6.29 -20.79
CA ILE A 389 5.49 6.48 -21.68
C ILE A 389 5.39 7.92 -22.13
N THR A 390 5.42 8.86 -21.18
CA THR A 390 5.56 10.28 -21.45
C THR A 390 6.03 10.98 -20.18
N THR A 391 6.20 12.29 -20.28
CA THR A 391 6.61 13.16 -19.20
C THR A 391 5.77 14.41 -19.28
N ILE A 392 5.48 15.01 -18.14
CA ILE A 392 4.83 16.31 -18.08
C ILE A 392 5.51 17.09 -16.96
N THR A 393 5.56 18.41 -17.13
CA THR A 393 6.05 19.30 -16.07
C THR A 393 4.93 20.28 -15.81
N ALA A 394 4.57 20.46 -14.55
CA ALA A 394 3.47 21.34 -14.19
C ALA A 394 4.00 22.56 -13.48
N GLY A 395 3.44 23.73 -13.82
CA GLY A 395 3.89 24.97 -13.26
C GLY A 395 2.89 25.57 -12.29
N PRO A 396 3.30 26.62 -11.55
CA PRO A 396 2.33 27.34 -10.71
C PRO A 396 1.22 28.01 -11.50
N ASN A 397 1.27 28.00 -12.83
CA ASN A 397 0.09 28.43 -13.58
C ASN A 397 -0.88 27.29 -13.84
N GLN A 398 -0.38 26.06 -14.04
CA GLN A 398 -1.24 24.91 -14.36
C GLN A 398 -1.85 24.26 -13.12
N ILE A 399 -1.08 24.13 -12.05
CA ILE A 399 -1.60 23.80 -10.74
C ILE A 399 -1.39 25.05 -9.89
N GLY A 400 -1.55 24.93 -8.57
CA GLY A 400 -1.57 26.12 -7.73
C GLY A 400 -0.22 26.84 -7.60
N ASN A 401 -0.25 27.90 -6.78
CA ASN A 401 0.98 28.51 -6.26
C ASN A 401 1.66 27.58 -5.26
N SER A 402 0.86 26.78 -4.55
CA SER A 402 1.27 25.96 -3.42
C SER A 402 0.46 24.68 -3.42
N LEU A 403 0.90 23.72 -2.60
CA LEU A 403 0.16 22.50 -2.32
C LEU A 403 0.26 22.22 -0.82
N GLY A 404 -0.88 22.23 -0.13
CA GLY A 404 -0.87 22.11 1.31
C GLY A 404 -0.50 20.71 1.77
N ALA A 405 -0.33 20.57 3.08
CA ALA A 405 -0.01 19.25 3.64
C ALA A 405 -1.27 18.42 3.66
N GLY A 406 -1.20 17.23 3.07
CA GLY A 406 -2.36 16.39 2.96
C GLY A 406 -3.43 16.91 2.04
N ASP A 407 -3.16 17.97 1.28
CA ASP A 407 -4.08 18.55 0.33
C ASP A 407 -3.85 17.99 -1.07
N THR A 408 -4.57 18.54 -2.03
CA THR A 408 -4.60 17.91 -3.33
C THR A 408 -5.15 18.87 -4.36
N TYR A 409 -4.54 18.87 -5.54
CA TYR A 409 -5.00 19.70 -6.63
C TYR A 409 -5.23 18.80 -7.85
N PRO A 410 -6.42 18.86 -8.47
CA PRO A 410 -7.59 19.61 -8.01
C PRO A 410 -8.07 19.23 -6.59
N GLN A 411 -8.79 20.11 -5.89
CA GLN A 411 -9.19 19.89 -4.50
C GLN A 411 -10.09 18.66 -4.31
N LYS A 412 -10.60 18.43 -3.09
CA LYS A 412 -11.24 17.14 -2.80
C LYS A 412 -12.53 16.94 -3.59
N GLY A 413 -13.40 17.95 -3.62
CA GLY A 413 -14.65 17.76 -4.35
C GLY A 413 -14.57 17.91 -5.87
N GLN A 414 -13.42 18.32 -6.40
CA GLN A 414 -13.30 18.76 -7.78
C GLN A 414 -12.94 17.61 -8.70
N ALA A 415 -13.21 17.79 -9.99
CA ALA A 415 -12.87 16.79 -10.99
C ALA A 415 -11.38 16.86 -11.31
N PRO A 416 -10.78 15.76 -11.77
CA PRO A 416 -9.33 15.70 -11.94
C PRO A 416 -8.86 16.38 -13.21
N ILE A 417 -7.74 17.11 -13.16
CA ILE A 417 -7.32 17.82 -14.37
C ILE A 417 -6.67 16.85 -15.33
N SER A 418 -6.73 17.22 -16.61
CA SER A 418 -6.29 16.47 -17.77
C SER A 418 -4.80 16.65 -17.98
N LEU A 419 -4.17 15.66 -18.61
CA LEU A 419 -2.74 15.77 -18.89
C LEU A 419 -2.44 17.07 -19.65
N ASP A 420 -3.20 17.34 -20.72
CA ASP A 420 -2.96 18.56 -21.48
C ASP A 420 -3.23 19.82 -20.67
N LYS A 421 -4.18 19.79 -19.72
CA LYS A 421 -4.35 20.92 -18.82
C LYS A 421 -3.25 20.98 -17.77
N ALA A 422 -2.62 19.85 -17.45
CA ALA A 422 -1.57 19.86 -16.44
C ALA A 422 -0.24 20.32 -17.02
N ASN A 423 0.21 19.65 -18.08
CA ASN A 423 1.50 19.93 -18.68
C ASN A 423 1.62 21.39 -19.10
N GLU A 424 2.71 22.03 -18.64
CA GLU A 424 2.99 23.43 -18.96
C GLU A 424 3.07 23.64 -20.47
N ALA A 425 3.80 22.79 -21.16
CA ALA A 425 3.97 22.82 -22.61
C ALA A 425 2.75 22.32 -23.38
N GLY A 426 1.54 22.49 -22.82
CA GLY A 426 0.30 22.07 -23.47
C GLY A 426 0.12 20.55 -23.64
N THR A 427 -0.68 20.18 -24.65
CA THR A 427 -0.93 18.77 -24.86
C THR A 427 0.34 18.09 -25.34
N VAL A 428 0.28 16.76 -25.39
CA VAL A 428 1.48 15.98 -25.69
C VAL A 428 1.06 14.65 -26.33
N LYS A 429 1.67 14.31 -27.45
CA LYS A 429 1.36 13.03 -28.09
C LYS A 429 1.91 11.90 -27.22
N ILE A 430 1.03 10.96 -26.87
CA ILE A 430 1.39 9.79 -26.07
C ILE A 430 0.80 8.59 -26.78
N ALA A 431 1.65 7.75 -27.35
CA ALA A 431 1.16 6.62 -28.13
C ALA A 431 1.87 5.34 -27.71
N ILE A 432 1.09 4.27 -27.54
CA ILE A 432 1.61 2.95 -27.28
C ILE A 432 0.93 2.02 -28.26
N ASN A 433 1.47 0.81 -28.41
CA ASN A 433 0.94 -0.13 -29.38
C ASN A 433 -0.20 -0.93 -28.78
N ALA A 434 -0.83 -1.75 -29.62
CA ALA A 434 -1.96 -2.57 -29.18
C ALA A 434 -1.52 -3.58 -28.13
N GLU A 435 -0.34 -4.19 -28.31
CA GLU A 435 0.21 -5.11 -27.33
C GLU A 435 0.21 -4.48 -25.94
N GLN A 436 1.03 -3.45 -25.73
CA GLN A 436 1.14 -2.87 -24.40
C GLN A 436 -0.22 -2.38 -23.89
N LEU A 437 -1.09 -1.85 -24.76
CA LEU A 437 -2.37 -1.33 -24.29
C LEU A 437 -3.28 -2.43 -23.75
N ASP A 438 -3.22 -3.64 -24.32
CA ASP A 438 -4.04 -4.72 -23.75
C ASP A 438 -3.40 -5.34 -22.53
N LYS A 439 -2.07 -5.30 -22.44
CA LYS A 439 -1.38 -5.72 -21.22
C LYS A 439 -1.76 -4.84 -20.04
N ILE A 440 -2.18 -3.60 -20.29
CA ILE A 440 -2.48 -2.68 -19.20
C ILE A 440 -3.85 -2.97 -18.64
N GLN A 441 -4.82 -3.23 -19.53
CA GLN A 441 -6.12 -3.81 -19.17
C GLN A 441 -5.93 -5.09 -18.37
N ALA A 442 -5.11 -6.01 -18.90
CA ALA A 442 -4.89 -7.29 -18.25
C ALA A 442 -4.10 -7.17 -16.95
N GLY A 443 -3.43 -6.07 -16.71
CA GLY A 443 -2.70 -5.90 -15.47
C GLY A 443 -1.29 -6.44 -15.43
N THR A 444 -0.79 -6.98 -16.55
CA THR A 444 0.59 -7.44 -16.61
C THR A 444 1.58 -6.29 -16.69
N GLU A 445 1.21 -5.20 -17.37
CA GLU A 445 1.95 -3.94 -17.24
C GLU A 445 1.15 -3.06 -16.28
N ILE A 446 1.68 -2.91 -15.06
CA ILE A 446 1.25 -1.89 -14.12
C ILE A 446 1.78 -0.53 -14.58
N LEU A 447 1.05 0.52 -14.36
CA LEU A 447 1.46 1.83 -14.85
C LEU A 447 1.89 2.75 -13.70
N ASN A 448 3.20 2.89 -13.51
CA ASN A 448 3.74 3.66 -12.39
C ASN A 448 3.95 5.10 -12.78
N ILE A 449 3.89 5.98 -11.79
CA ILE A 449 3.93 7.43 -12.03
C ILE A 449 4.91 8.04 -11.04
N GLU A 450 6.19 8.04 -11.41
CA GLU A 450 7.23 8.59 -10.59
C GLU A 450 7.35 10.08 -10.86
N THR A 451 7.48 10.85 -9.79
CA THR A 451 7.40 12.30 -9.90
C THR A 451 8.45 12.94 -9.00
N THR A 452 9.23 13.85 -9.57
CA THR A 452 10.51 14.34 -9.03
C THR A 452 10.30 15.35 -7.91
N GLN A 453 11.15 15.24 -6.88
CA GLN A 453 10.95 15.94 -5.61
C GLN A 453 11.74 17.24 -5.45
N ASN A 454 12.66 17.55 -6.37
CA ASN A 454 13.72 18.52 -6.08
C ASN A 454 13.25 19.97 -6.10
N ARG A 455 12.26 20.31 -6.91
CA ARG A 455 11.93 21.71 -7.11
C ARG A 455 10.79 22.11 -6.18
N GLY A 456 11.01 23.16 -5.41
CA GLY A 456 9.98 23.69 -4.53
C GLY A 456 10.61 24.60 -3.49
N GLN A 457 9.78 25.02 -2.54
CA GLN A 457 10.17 26.01 -1.54
C GLN A 457 9.41 25.76 -0.23
N TYR A 458 10.11 25.89 0.89
CA TYR A 458 9.42 25.77 2.17
C TYR A 458 8.95 27.15 2.60
N GLY A 459 7.91 27.18 3.43
CA GLY A 459 7.40 28.43 3.93
C GLY A 459 8.05 28.83 5.25
N ILE A 460 8.12 30.14 5.49
CA ILE A 460 8.50 30.66 6.81
C ILE A 460 7.54 31.78 7.19
N LEU A 461 7.52 32.08 8.48
CA LEU A 461 6.73 33.18 9.02
C LEU A 461 7.52 34.46 8.95
N ASP A 462 6.88 35.52 8.50
CA ASP A 462 7.54 36.80 8.31
C ASP A 462 7.35 37.63 9.57
N GLU A 463 7.51 38.94 9.44
CA GLU A 463 7.31 39.85 10.56
C GLU A 463 5.84 39.89 10.96
N LYS A 464 4.95 39.84 9.97
CA LYS A 464 3.52 40.08 10.19
C LYS A 464 2.77 38.80 10.53
N GLY A 465 3.13 37.67 9.91
CA GLY A 465 2.52 36.42 10.26
C GLY A 465 1.73 35.77 9.14
N GLN A 466 2.31 35.75 7.96
CA GLN A 466 1.79 35.06 6.78
C GLN A 466 2.97 34.39 6.11
N VAL A 467 2.71 33.30 5.39
CA VAL A 467 3.81 32.57 4.79
C VAL A 467 4.50 33.44 3.77
N ILE A 468 5.82 33.42 3.82
CA ILE A 468 6.70 33.93 2.77
C ILE A 468 7.60 32.77 2.35
N PRO A 469 7.67 32.46 1.03
CA PRO A 469 8.72 31.54 0.55
C PRO A 469 10.04 31.84 1.21
N GLY A 470 10.77 30.82 1.71
CA GLY A 470 11.97 31.02 2.50
C GLY A 470 13.23 30.30 2.06
N GLY A 471 13.16 29.47 1.03
CA GLY A 471 14.34 28.79 0.56
C GLY A 471 14.00 27.52 -0.20
N GLU A 472 14.92 27.13 -1.07
CA GLU A 472 14.99 25.81 -1.66
C GLU A 472 14.62 24.70 -0.66
N TRP A 473 13.79 23.73 -1.11
CA TRP A 473 13.55 22.49 -0.35
C TRP A 473 14.64 21.44 -0.60
N ASP A 474 15.26 21.44 -1.79
CA ASP A 474 16.22 20.41 -2.20
C ASP A 474 17.34 20.16 -1.21
N PRO A 475 18.09 21.16 -0.72
CA PRO A 475 19.18 20.84 0.22
C PRO A 475 18.64 20.38 1.55
N ILE A 476 17.51 20.95 1.98
CA ILE A 476 16.87 20.58 3.24
C ILE A 476 16.41 19.14 3.21
N ARG A 477 15.90 18.68 2.07
CA ARG A 477 15.46 17.29 1.98
C ARG A 477 16.64 16.33 2.12
N THR A 478 17.74 16.58 1.40
CA THR A 478 18.88 15.67 1.50
C THR A 478 19.40 15.63 2.94
N ASN A 479 19.37 16.78 3.64
CA ASN A 479 19.87 16.81 5.01
C ASN A 479 18.94 16.07 5.97
N ILE A 480 17.62 16.18 5.79
CA ILE A 480 16.66 15.49 6.66
C ILE A 480 16.77 13.99 6.46
N ASP A 481 16.84 13.54 5.21
CA ASP A 481 16.94 12.12 4.91
C ASP A 481 18.21 11.52 5.49
N ALA A 482 19.29 12.31 5.51
CA ALA A 482 20.56 11.82 6.04
C ALA A 482 20.46 11.36 7.48
N VAL A 483 19.56 11.97 8.26
CA VAL A 483 19.54 11.90 9.72
C VAL A 483 18.30 11.19 10.27
N SER A 484 17.54 10.49 9.44
CA SER A 484 16.22 10.02 9.84
C SER A 484 15.86 8.71 9.15
N GLY A 485 14.77 8.09 9.61
CA GLY A 485 14.16 6.97 8.92
C GLY A 485 12.86 7.34 8.16
N SER A 486 12.33 6.35 7.45
CA SER A 486 11.19 6.57 6.57
C SER A 486 10.00 5.70 6.98
N LEU A 487 8.90 6.37 7.38
CA LEU A 487 7.65 5.76 7.82
C LEU A 487 6.48 6.17 6.92
N THR A 488 5.75 5.19 6.43
CA THR A 488 4.65 5.40 5.50
C THR A 488 3.43 4.65 6.02
N LEU A 489 2.32 5.36 6.13
CA LEU A 489 1.05 4.76 6.46
C LEU A 489 0.29 4.59 5.15
N ASN A 490 0.22 3.35 4.66
CA ASN A 490 -0.59 3.05 3.49
C ASN A 490 -1.91 2.48 3.98
N LEU A 491 -2.88 3.35 4.16
CA LEU A 491 -4.24 2.93 4.47
C LEU A 491 -5.05 2.88 3.17
N GLY A 492 -5.41 1.68 2.75
CA GLY A 492 -6.37 1.54 1.69
C GLY A 492 -5.87 1.77 0.27
N THR A 493 -6.28 0.89 -0.63
CA THR A 493 -5.85 0.97 -2.01
C THR A 493 -6.68 1.97 -2.81
N GLY A 494 -6.85 3.17 -2.27
CA GLY A 494 -7.43 4.26 -3.03
C GLY A 494 -7.29 5.55 -2.27
N LYS A 495 -6.78 5.44 -1.04
CA LYS A 495 -6.71 6.56 -0.11
C LYS A 495 -5.27 7.15 -0.04
N ASP A 496 -5.19 8.45 0.29
CA ASP A 496 -3.90 9.15 0.34
C ASP A 496 -3.01 8.62 1.45
N SER A 497 -1.78 8.21 1.12
CA SER A 497 -0.83 7.74 2.13
C SER A 497 -0.26 8.90 2.96
N LEU A 498 0.56 8.55 3.94
CA LEU A 498 1.23 9.54 4.75
C LEU A 498 2.73 9.25 4.72
N GLU A 499 3.53 10.24 4.33
CA GLU A 499 4.98 10.06 4.26
C GLU A 499 5.60 10.80 5.43
N ARG A 500 6.25 10.06 6.33
CA ARG A 500 6.80 10.63 7.53
C ARG A 500 8.29 10.36 7.62
N ARG A 501 9.03 11.29 8.22
CA ARG A 501 10.47 11.13 8.48
C ARG A 501 10.71 11.46 9.94
N VAL A 502 11.39 10.58 10.65
CA VAL A 502 11.64 10.72 12.08
C VAL A 502 13.13 10.55 12.32
N ALA A 503 13.72 11.47 13.06
CA ALA A 503 15.16 11.42 13.30
C ALA A 503 15.53 10.18 14.11
N ALA A 504 16.79 9.75 13.96
CA ALA A 504 17.33 8.72 14.84
C ALA A 504 18.73 9.11 15.23
N LYS A 505 19.33 8.29 16.09
CA LYS A 505 20.69 8.51 16.56
C LYS A 505 21.66 8.46 15.38
N ASN A 506 22.83 9.06 15.61
CA ASN A 506 23.99 8.92 14.73
C ASN A 506 24.88 7.83 15.33
N MET A 507 24.89 6.64 14.73
CA MET A 507 25.58 5.51 15.34
C MET A 507 27.11 5.60 15.21
N ASN A 508 27.62 6.33 14.23
CA ASN A 508 29.05 6.49 14.06
C ASN A 508 29.64 7.51 15.02
N ASP A 509 28.80 8.34 15.65
CA ASP A 509 29.26 9.33 16.62
C ASP A 509 29.04 8.79 18.02
N PRO A 510 30.10 8.52 18.80
CA PRO A 510 29.90 7.93 20.12
C PRO A 510 29.49 9.00 21.11
N GLU A 511 28.95 10.10 20.59
CA GLU A 511 28.65 11.24 21.44
C GLU A 511 27.45 12.06 20.97
N ASP A 512 26.61 11.55 20.07
CA ASP A 512 25.50 12.40 19.64
C ASP A 512 24.38 12.30 20.67
N LYS A 513 23.65 13.39 20.84
CA LYS A 513 22.62 13.44 21.85
C LYS A 513 21.23 13.64 21.24
N THR A 514 21.11 13.39 19.94
CA THR A 514 19.83 13.08 19.33
C THR A 514 19.17 11.95 20.13
N PRO A 515 17.96 12.17 20.68
CA PRO A 515 17.37 11.16 21.57
C PRO A 515 17.06 9.88 20.83
N GLU A 516 17.12 8.76 21.55
CA GLU A 516 16.93 7.45 20.95
C GLU A 516 15.60 6.87 21.40
N ILE A 517 14.86 6.32 20.45
CA ILE A 517 13.47 5.95 20.66
C ILE A 517 13.22 4.65 19.93
N THR A 518 12.19 3.93 20.33
CA THR A 518 11.92 2.66 19.72
C THR A 518 11.07 2.87 18.47
N ILE A 519 10.80 1.77 17.75
CA ILE A 519 9.92 1.85 16.59
C ILE A 519 8.53 2.33 17.01
N LYS A 520 7.99 1.77 18.09
CA LYS A 520 6.67 2.20 18.56
C LYS A 520 6.64 3.71 18.75
N GLU A 521 7.64 4.25 19.46
CA GLU A 521 7.66 5.69 19.70
C GLU A 521 7.73 6.45 18.38
N ALA A 522 8.38 5.89 17.36
CA ALA A 522 8.49 6.60 16.09
C ALA A 522 7.17 6.58 15.35
N ILE A 523 6.54 5.40 15.27
CA ILE A 523 5.22 5.28 14.65
C ILE A 523 4.22 6.19 15.34
N LYS A 524 4.23 6.19 16.66
CA LYS A 524 3.41 7.12 17.42
C LYS A 524 3.68 8.56 16.99
N LYS A 525 4.93 9.00 17.10
CA LYS A 525 5.27 10.38 16.76
C LYS A 525 4.95 10.70 15.30
N ALA A 526 5.29 9.78 14.39
CA ALA A 526 5.14 10.02 12.94
C ALA A 526 3.70 10.32 12.55
N PHE A 527 2.71 9.69 13.18
CA PHE A 527 1.33 9.81 12.73
C PHE A 527 0.42 10.54 13.72
N ASN A 528 1.01 11.21 14.71
CA ASN A 528 0.30 11.86 15.82
C ASN A 528 -0.70 10.92 16.48
N ALA A 529 -0.30 9.67 16.63
CA ALA A 529 -1.18 8.61 17.11
C ALA A 529 -1.39 8.68 18.61
N TYR A 530 -2.53 8.20 19.04
CA TYR A 530 -2.91 8.26 20.44
C TYR A 530 -3.10 6.85 20.96
N TYR A 531 -3.15 6.75 22.29
CA TYR A 531 -3.34 5.48 22.96
C TYR A 531 -4.81 5.27 23.35
N TYR A 532 -5.16 4.01 23.61
CA TYR A 532 -6.51 3.61 24.02
C TYR A 532 -6.52 2.17 24.53
N ASP A 533 -6.28 1.98 25.83
CA ASP A 533 -5.94 0.69 26.44
C ASP A 533 -4.53 0.27 26.11
N GLY A 534 -3.61 1.23 25.99
CA GLY A 534 -2.29 0.96 25.45
C GLY A 534 -2.26 0.69 23.96
N ARG A 535 -3.42 0.69 23.30
CA ARG A 535 -3.52 0.37 21.87
C ARG A 535 -3.35 1.66 21.09
N LEU A 536 -2.18 1.81 20.46
CA LEU A 536 -1.92 2.89 19.54
C LEU A 536 -3.02 2.93 18.47
N TYR A 537 -3.38 4.13 18.01
CA TYR A 537 -4.41 4.18 16.98
C TYR A 537 -4.38 5.51 16.26
N TYR A 538 -4.82 5.48 15.02
CA TYR A 538 -4.69 6.60 14.10
C TYR A 538 -6.08 7.08 13.76
N THR A 539 -6.35 8.34 14.04
CA THR A 539 -7.61 8.96 13.71
C THR A 539 -7.41 9.96 12.58
N ASP A 540 -8.26 9.87 11.55
CA ASP A 540 -8.14 10.70 10.36
C ASP A 540 -9.23 11.76 10.28
N GLN A 541 -9.34 12.40 9.11
CA GLN A 541 -10.33 13.46 8.88
C GLN A 541 -11.69 12.90 8.49
N GLY A 542 -11.72 11.77 7.77
CA GLY A 542 -12.97 11.05 7.54
C GLY A 542 -13.46 10.35 8.79
N GLU A 543 -12.80 10.63 9.93
CA GLU A 543 -12.99 10.00 11.24
C GLU A 543 -13.47 8.54 11.22
N LYS A 544 -12.65 7.62 10.66
CA LYS A 544 -12.88 6.17 10.74
C LYS A 544 -11.59 5.59 11.31
N ASP A 545 -11.45 5.65 12.65
CA ASP A 545 -10.19 5.40 13.34
C ASP A 545 -9.67 3.98 13.12
N ILE A 546 -8.37 3.80 13.33
CA ILE A 546 -7.65 2.59 12.93
C ILE A 546 -6.66 2.22 14.01
N PHE A 547 -6.64 0.95 14.38
CA PHE A 547 -5.62 0.47 15.31
C PHE A 547 -4.33 0.14 14.56
N ILE A 548 -3.21 0.75 15.01
CA ILE A 548 -1.90 0.57 14.41
C ILE A 548 -0.89 -0.01 15.41
N ASP A 549 -1.33 -0.74 16.44
CA ASP A 549 -0.29 -1.36 17.25
C ASP A 549 0.03 -2.72 16.65
N GLU A 550 1.23 -3.21 16.98
CA GLU A 550 1.90 -4.17 16.11
C GLU A 550 1.04 -5.33 15.64
N PRO A 551 0.18 -5.95 16.47
CA PRO A 551 -0.62 -7.07 15.96
C PRO A 551 -1.77 -6.64 15.05
N SER A 552 -2.10 -5.35 15.00
CA SER A 552 -3.24 -4.85 14.27
C SER A 552 -2.95 -4.52 12.81
N ILE A 553 -1.74 -4.08 12.52
CA ILE A 553 -1.40 -3.74 11.15
C ILE A 553 -0.56 -4.85 10.57
N ASN A 554 0.02 -4.55 9.43
CA ASN A 554 1.00 -5.40 8.80
C ASN A 554 2.16 -4.52 8.40
N LEU A 555 3.36 -4.83 8.90
CA LEU A 555 4.55 -4.05 8.56
C LEU A 555 5.13 -4.53 7.25
N ILE A 556 5.77 -3.61 6.53
CA ILE A 556 6.47 -3.93 5.28
C ILE A 556 7.77 -3.17 5.27
N THR A 557 8.88 -3.87 5.11
CA THR A 557 10.17 -3.22 5.01
C THR A 557 10.86 -3.58 3.71
N ASP A 558 11.98 -2.91 3.45
CA ASP A 558 12.87 -3.31 2.38
C ASP A 558 13.82 -4.37 2.95
N GLU A 559 14.82 -4.77 2.16
CA GLU A 559 15.72 -5.83 2.60
C GLU A 559 16.61 -5.38 3.75
N ASN A 560 17.12 -4.14 3.73
CA ASN A 560 18.12 -3.75 4.72
C ASN A 560 17.50 -3.56 6.10
N THR A 561 16.30 -3.01 6.15
CA THR A 561 15.62 -2.86 7.43
C THR A 561 15.27 -4.22 8.02
N LYS A 562 14.94 -5.21 7.18
CA LYS A 562 14.70 -6.55 7.71
C LYS A 562 15.90 -7.05 8.51
N LYS A 563 17.10 -6.88 7.96
CA LYS A 563 18.28 -7.37 8.63
C LYS A 563 18.52 -6.61 9.94
N GLU A 564 18.59 -5.28 9.87
CA GLU A 564 18.73 -4.50 11.09
C GLU A 564 17.69 -4.83 12.16
N ILE A 565 16.44 -5.15 11.77
CA ILE A 565 15.44 -5.54 12.79
C ILE A 565 15.76 -6.92 13.34
N GLU A 566 16.04 -7.87 12.45
CA GLU A 566 16.33 -9.24 12.89
C GLU A 566 17.68 -9.34 13.56
N ARG A 567 18.61 -8.44 13.23
CA ARG A 567 19.86 -8.41 13.98
C ARG A 567 19.60 -7.98 15.41
N GLN A 568 18.68 -7.03 15.60
CA GLN A 568 18.37 -6.52 16.93
C GLN A 568 17.56 -7.52 17.74
N LEU A 569 16.68 -8.27 17.10
CA LEU A 569 15.77 -9.13 17.82
C LEU A 569 16.36 -10.49 18.13
N ASN A 570 17.61 -10.74 17.74
CA ASN A 570 18.27 -11.93 18.24
C ASN A 570 18.83 -11.72 19.64
N GLN A 571 18.94 -10.46 20.10
CA GLN A 571 19.52 -10.11 21.39
C GLN A 571 18.48 -9.63 22.39
N MET A 572 17.20 -9.86 22.12
CA MET A 572 16.11 -9.45 23.00
C MET A 572 15.10 -10.57 22.95
N PRO A 573 15.10 -11.48 23.92
CA PRO A 573 14.15 -12.62 23.88
C PRO A 573 12.65 -12.26 23.96
N GLY A 574 12.26 -11.07 24.42
CA GLY A 574 10.89 -10.57 24.28
C GLY A 574 10.72 -9.74 23.02
N LYS A 575 10.39 -10.42 21.94
CA LYS A 575 10.79 -9.98 20.61
C LYS A 575 9.57 -9.50 19.85
N THR A 576 9.32 -8.21 19.85
CA THR A 576 8.35 -7.67 18.92
C THR A 576 8.99 -6.53 18.15
N VAL A 577 8.61 -6.42 16.88
CA VAL A 577 9.19 -5.44 15.98
C VAL A 577 9.11 -4.04 16.59
N TYR A 578 8.05 -3.76 17.35
CA TYR A 578 7.85 -2.42 17.90
C TYR A 578 8.84 -2.08 18.99
N ASP A 579 9.57 -3.05 19.50
CA ASP A 579 10.52 -2.82 20.59
C ASP A 579 11.91 -2.42 20.11
N VAL A 580 12.22 -2.58 18.81
CA VAL A 580 13.60 -2.45 18.36
C VAL A 580 13.97 -0.97 18.36
N LYS A 581 15.24 -0.67 18.61
CA LYS A 581 15.66 0.72 18.59
C LYS A 581 15.56 1.24 17.16
N TRP A 582 14.96 2.41 17.02
CA TRP A 582 14.67 2.99 15.72
C TRP A 582 15.92 3.63 15.17
N LYS A 583 16.41 3.11 14.04
CA LYS A 583 17.74 3.45 13.56
C LYS A 583 17.68 4.27 12.28
N ARG A 584 18.59 5.22 12.17
CA ARG A 584 18.65 6.10 11.02
C ARG A 584 18.80 5.28 9.74
N GLY A 585 17.99 5.58 8.74
CA GLY A 585 18.03 4.87 7.48
C GLY A 585 17.05 3.73 7.31
N MET A 586 16.19 3.46 8.29
CA MET A 586 15.18 2.41 8.14
C MET A 586 14.07 2.82 7.15
N LYS A 587 13.26 1.83 6.74
CA LYS A 587 12.11 2.06 5.87
C LYS A 587 11.01 1.07 6.23
N ILE A 588 9.91 1.55 6.81
CA ILE A 588 8.79 0.68 7.20
C ILE A 588 7.50 1.27 6.64
N THR A 589 6.60 0.41 6.21
CA THR A 589 5.28 0.80 5.72
C THR A 589 4.22 0.07 6.54
N LEU A 590 3.29 0.82 7.12
CA LEU A 590 2.13 0.22 7.77
C LEU A 590 1.02 -0.03 6.74
N HIS A 591 0.50 -1.25 6.71
CA HIS A 591 -0.49 -1.69 5.73
C HIS A 591 -1.70 -2.25 6.48
N VAL A 592 -2.88 -1.69 6.21
CA VAL A 592 -4.06 -1.91 7.06
C VAL A 592 -4.81 -3.17 6.60
N PRO A 593 -5.13 -4.08 7.51
CA PRO A 593 -5.80 -5.33 7.10
C PRO A 593 -7.22 -5.07 6.59
N ILE A 594 -7.75 -6.04 5.84
CA ILE A 594 -9.09 -5.87 5.25
C ILE A 594 -10.19 -6.50 6.11
N LYS A 595 -9.83 -7.42 7.01
CA LYS A 595 -10.70 -7.85 8.11
C LYS A 595 -9.79 -7.96 9.32
N TYR A 596 -10.29 -7.55 10.50
CA TYR A 596 -9.46 -7.63 11.70
C TYR A 596 -10.35 -7.86 12.91
N TYR A 597 -10.17 -9.01 13.53
CA TYR A 597 -10.94 -9.44 14.68
C TYR A 597 -10.12 -9.20 15.94
N ASP A 598 -10.41 -8.10 16.64
CA ASP A 598 -9.81 -7.87 17.96
C ASP A 598 -10.90 -8.15 18.98
N PHE A 599 -10.78 -9.31 19.62
CA PHE A 599 -11.85 -9.79 20.49
C PHE A 599 -12.02 -8.83 21.65
N GLU A 600 -13.06 -7.99 21.58
CA GLU A 600 -13.11 -6.87 22.50
C GLU A 600 -14.39 -6.06 22.44
N THR A 601 -15.46 -6.59 21.88
CA THR A 601 -16.64 -5.73 21.79
C THR A 601 -17.96 -6.52 21.89
N SER A 602 -18.79 -6.36 20.87
CA SER A 602 -20.14 -6.88 20.84
C SER A 602 -20.69 -6.56 19.46
N LEU A 605 -16.81 -10.52 16.30
CA LEU A 605 -17.17 -11.74 17.04
C LEU A 605 -17.14 -13.01 16.18
N TRP A 606 -17.20 -14.15 16.88
CA TRP A 606 -16.97 -15.49 16.33
C TRP A 606 -17.97 -16.49 16.89
N TYR A 607 -18.33 -17.48 16.07
CA TYR A 607 -19.24 -18.55 16.49
C TYR A 607 -18.55 -19.56 17.39
N TYR A 608 -19.25 -19.99 18.45
CA TYR A 608 -18.78 -21.05 19.33
C TYR A 608 -17.52 -20.64 20.10
N THR A 609 -17.37 -19.34 20.40
CA THR A 609 -16.21 -18.81 21.10
C THR A 609 -16.66 -17.85 22.19
N TYR A 610 -15.83 -17.70 23.23
CA TYR A 610 -16.19 -16.97 24.43
C TYR A 610 -15.32 -15.73 24.54
N GLN A 611 -15.97 -14.58 24.73
CA GLN A 611 -15.27 -13.30 24.78
C GLN A 611 -14.27 -13.25 25.93
N GLU A 612 -14.74 -13.41 27.16
CA GLU A 612 -13.89 -13.56 28.35
C GLU A 612 -13.10 -12.26 28.60
N SER A 613 -11.90 -12.38 29.19
CA SER A 613 -11.21 -11.23 29.77
C SER A 613 -9.72 -11.54 29.88
N GLY A 614 -8.89 -10.79 29.16
CA GLY A 614 -7.45 -10.98 29.12
C GLY A 614 -6.81 -10.21 27.97
N GLY A 615 -6.24 -10.93 26.99
CA GLY A 615 -5.87 -10.40 25.70
C GLY A 615 -4.36 -10.35 25.50
N TYR A 616 -3.93 -10.60 24.26
CA TYR A 616 -2.62 -10.09 23.88
C TYR A 616 -2.73 -8.58 23.98
N THR A 617 -3.39 -7.95 23.02
CA THR A 617 -3.74 -6.54 23.12
C THR A 617 -5.22 -6.37 23.47
N GLY A 618 -5.55 -5.20 24.00
CA GLY A 618 -6.93 -4.92 24.33
C GLY A 618 -7.35 -5.42 25.70
N LYS A 619 -8.63 -5.76 25.86
CA LYS A 619 -9.17 -6.13 27.17
C LYS A 619 -9.64 -7.57 27.24
N LYS A 620 -10.39 -8.03 26.24
CA LYS A 620 -10.95 -9.37 26.17
C LYS A 620 -10.15 -10.19 25.15
N ARG A 621 -10.39 -11.51 25.10
CA ARG A 621 -9.53 -12.39 24.28
C ARG A 621 -10.23 -13.73 24.02
N GLY A 622 -11.03 -13.78 22.97
CA GLY A 622 -11.69 -15.00 22.53
C GLY A 622 -11.01 -16.32 22.85
N ARG A 623 -11.81 -17.32 23.23
CA ARG A 623 -11.25 -18.62 23.60
C ARG A 623 -12.24 -19.72 23.27
N ILE A 624 -11.71 -20.91 23.01
CA ILE A 624 -12.51 -22.10 22.78
C ILE A 624 -12.03 -23.21 23.69
N GLY A 625 -12.80 -24.29 23.69
CA GLY A 625 -12.63 -25.39 24.62
C GLY A 625 -11.75 -26.48 24.10
N THR A 626 -11.87 -27.64 24.72
CA THR A 626 -10.97 -28.74 24.43
C THR A 626 -11.30 -29.41 23.09
N ASP A 627 -12.56 -29.34 22.65
CA ASP A 627 -12.87 -29.61 21.25
C ASP A 627 -13.30 -28.35 20.50
N GLY A 628 -13.65 -27.28 21.21
CA GLY A 628 -13.94 -25.94 20.70
C GLY A 628 -13.53 -25.65 19.25
N HIS A 629 -14.49 -25.15 18.47
CA HIS A 629 -14.35 -25.05 17.04
C HIS A 629 -14.93 -23.71 16.59
N GLY A 630 -14.23 -22.64 16.96
CA GLY A 630 -14.70 -21.29 16.65
C GLY A 630 -14.46 -20.92 15.19
N THR A 631 -15.46 -20.26 14.60
CA THR A 631 -15.40 -19.73 13.24
C THR A 631 -15.77 -18.25 13.28
N ALA A 632 -15.68 -17.56 12.15
CA ALA A 632 -15.89 -16.11 12.12
C ALA A 632 -17.30 -15.75 11.63
N MET A 633 -17.98 -14.91 12.41
CA MET A 633 -19.19 -14.24 11.93
C MET A 633 -18.75 -13.15 10.96
N SER A 634 -19.20 -13.23 9.72
CA SER A 634 -18.85 -12.26 8.67
C SER A 634 -17.34 -12.13 8.52
N ASN A 635 -16.78 -13.02 7.71
CA ASN A 635 -15.36 -13.03 7.37
C ASN A 635 -15.19 -12.26 6.05
N PRO A 636 -14.07 -12.30 5.34
CA PRO A 636 -13.78 -11.23 4.39
C PRO A 636 -14.28 -11.52 2.98
N GLN A 637 -14.25 -10.48 2.16
CA GLN A 637 -14.58 -10.56 0.74
C GLN A 637 -13.33 -10.95 -0.03
N LEU A 638 -13.33 -12.14 -0.63
CA LEU A 638 -12.14 -12.61 -1.33
C LEU A 638 -12.34 -12.58 -2.85
N LYS A 639 -11.29 -12.19 -3.56
CA LYS A 639 -11.37 -11.91 -4.98
C LYS A 639 -10.73 -13.04 -5.80
N PRO A 640 -11.24 -13.27 -7.01
CA PRO A 640 -10.86 -14.47 -7.80
C PRO A 640 -9.37 -14.76 -8.02
N TYR A 641 -8.44 -13.79 -8.06
CA TYR A 641 -7.06 -14.24 -8.15
C TYR A 641 -6.11 -13.44 -7.30
N THR A 642 -6.65 -12.73 -6.29
CA THR A 642 -5.81 -12.19 -5.22
C THR A 642 -5.22 -13.27 -4.31
N SER A 643 -4.17 -12.86 -3.59
CA SER A 643 -3.57 -13.70 -2.57
C SER A 643 -3.57 -12.92 -1.27
N TYR A 644 -3.73 -13.66 -0.17
CA TYR A 644 -4.08 -13.10 1.13
C TYR A 644 -3.18 -13.69 2.20
N THR A 645 -3.08 -13.00 3.34
CA THR A 645 -2.41 -13.52 4.53
C THR A 645 -3.36 -13.43 5.74
N VAL A 646 -3.41 -14.50 6.53
CA VAL A 646 -4.24 -14.60 7.72
C VAL A 646 -3.31 -14.86 8.90
N ARG A 647 -3.36 -13.98 9.92
CA ARG A 647 -2.47 -14.06 11.06
C ARG A 647 -3.30 -14.07 12.34
N ALA A 648 -2.86 -14.84 13.35
CA ALA A 648 -3.56 -14.95 14.63
C ALA A 648 -2.56 -15.10 15.77
N TYR A 649 -3.00 -14.78 16.99
CA TYR A 649 -2.18 -14.87 18.19
C TYR A 649 -2.80 -15.86 19.16
N VAL A 650 -2.05 -16.91 19.54
CA VAL A 650 -2.57 -18.04 20.32
C VAL A 650 -1.74 -18.30 21.58
N ARG A 651 -2.40 -18.80 22.64
CA ARG A 651 -1.74 -19.34 23.84
C ARG A 651 -2.60 -20.47 24.40
N THR A 652 -2.10 -21.16 25.43
CA THR A 652 -2.78 -22.36 25.95
C THR A 652 -3.70 -22.13 27.14
N ALA A 653 -3.50 -21.07 27.94
CA ALA A 653 -4.35 -20.79 29.11
C ALA A 653 -4.06 -21.71 30.29
N SER A 654 -2.80 -22.06 30.47
CA SER A 654 -2.30 -22.87 31.57
C SER A 654 -0.79 -22.78 31.42
N THR A 655 -0.03 -23.45 32.26
CA THR A 655 1.35 -23.68 31.89
C THR A 655 1.41 -25.02 31.15
N THR A 656 1.90 -24.95 29.90
CA THR A 656 2.29 -26.06 29.04
C THR A 656 1.13 -26.83 28.39
N GLY A 657 -0.01 -26.97 29.09
CA GLY A 657 -1.14 -27.76 28.65
C GLY A 657 -1.29 -28.07 27.16
N SER A 658 -0.28 -28.73 26.58
CA SER A 658 -0.20 -29.12 25.18
C SER A 658 -1.52 -29.44 24.48
N ASN A 659 -1.91 -28.62 23.50
CA ASN A 659 -2.97 -28.99 22.58
C ASN A 659 -2.53 -28.75 21.14
N GLU A 660 -3.33 -29.28 20.21
CA GLU A 660 -3.03 -29.30 18.78
C GLU A 660 -4.09 -28.47 18.05
N VAL A 661 -3.66 -27.36 17.43
CA VAL A 661 -4.55 -26.39 16.81
C VAL A 661 -4.55 -26.59 15.31
N VAL A 662 -5.62 -26.17 14.64
CA VAL A 662 -5.61 -25.89 13.22
C VAL A 662 -6.20 -24.52 12.96
N PHE A 663 -5.56 -23.79 12.08
CA PHE A 663 -5.98 -22.48 11.64
C PHE A 663 -6.26 -22.62 10.14
N TYR A 664 -7.46 -22.24 9.69
CA TYR A 664 -7.85 -22.53 8.32
C TYR A 664 -8.61 -21.38 7.68
N ALA A 665 -8.68 -21.42 6.35
CA ALA A 665 -9.56 -20.58 5.56
C ALA A 665 -10.15 -21.52 4.52
N ASP A 666 -11.24 -22.21 4.89
CA ASP A 666 -11.70 -23.39 4.18
C ASP A 666 -13.20 -23.33 3.98
N ASN A 667 -13.73 -24.31 3.23
CA ASN A 667 -15.16 -24.54 3.10
C ASN A 667 -15.61 -25.85 3.75
N SER A 668 -14.77 -26.46 4.60
CA SER A 668 -15.15 -27.66 5.35
C SER A 668 -14.33 -27.80 6.63
N SER A 669 -14.29 -26.73 7.43
CA SER A 669 -13.58 -26.71 8.71
C SER A 669 -12.10 -27.05 8.57
N GLY A 670 -11.55 -26.99 7.37
CA GLY A 670 -10.15 -27.28 7.21
C GLY A 670 -9.94 -28.71 6.83
N ASN A 671 -10.64 -29.14 5.76
CA ASN A 671 -10.50 -30.49 5.19
C ASN A 671 -10.62 -30.34 3.67
N GLY A 672 -9.53 -29.86 3.06
CA GLY A 672 -9.39 -29.81 1.62
C GLY A 672 -10.12 -28.65 0.98
N GLN A 673 -9.53 -28.17 -0.14
CA GLN A 673 -9.99 -27.04 -0.93
C GLN A 673 -9.79 -25.76 -0.13
N GLY A 674 -8.60 -25.23 -0.11
CA GLY A 674 -8.44 -24.15 0.82
C GLY A 674 -7.06 -24.21 1.44
N ALA A 675 -6.98 -23.73 2.68
CA ALA A 675 -5.68 -23.43 3.26
C ALA A 675 -5.75 -23.66 4.76
N LYS A 676 -5.15 -24.72 5.23
CA LYS A 676 -5.04 -24.93 6.66
C LYS A 676 -3.58 -24.81 7.05
N VAL A 677 -3.35 -24.52 8.32
CA VAL A 677 -2.05 -24.72 8.93
C VAL A 677 -2.23 -25.64 10.14
N SER A 678 -1.57 -26.79 10.11
CA SER A 678 -1.68 -27.80 11.16
C SER A 678 -0.75 -27.42 12.30
N GLY A 679 -1.33 -27.04 13.43
CA GLY A 679 -0.56 -26.55 14.55
C GLY A 679 -0.18 -27.55 15.62
N LYS A 680 1.06 -27.99 15.54
CA LYS A 680 1.58 -29.08 16.37
C LYS A 680 2.27 -28.57 17.63
N VAL A 681 2.06 -27.31 18.01
CA VAL A 681 2.96 -26.67 18.97
C VAL A 681 2.26 -25.59 19.80
N THR A 682 1.81 -25.94 21.00
CA THR A 682 1.32 -24.91 21.90
C THR A 682 1.58 -25.33 23.34
N GLY A 683 2.11 -24.42 24.16
CA GLY A 683 2.22 -24.62 25.59
C GLY A 683 2.61 -23.40 26.41
N GLY A 684 1.65 -22.56 26.83
CA GLY A 684 1.97 -21.49 27.75
C GLY A 684 1.83 -20.04 27.28
N LYS A 685 2.81 -19.53 26.51
CA LYS A 685 2.93 -18.12 26.19
C LYS A 685 2.29 -17.78 24.84
N TRP A 686 2.34 -16.50 24.47
CA TRP A 686 1.71 -16.02 23.25
C TRP A 686 2.58 -16.26 22.01
N LYS A 687 1.99 -16.86 20.98
CA LYS A 687 2.67 -17.18 19.72
C LYS A 687 1.86 -16.68 18.52
N ILE A 688 2.56 -16.38 17.40
CA ILE A 688 1.87 -16.13 16.12
C ILE A 688 1.50 -17.44 15.43
N ALA A 689 0.49 -17.36 14.59
CA ALA A 689 0.13 -18.45 13.68
C ALA A 689 -0.32 -17.78 12.39
N GLU A 690 0.29 -18.16 11.27
CA GLU A 690 0.09 -17.43 10.03
C GLU A 690 0.04 -18.37 8.82
N PHE A 691 -0.75 -18.00 7.84
CA PHE A 691 -0.71 -18.72 6.57
C PHE A 691 -1.16 -17.78 5.46
N SER A 692 -0.71 -18.09 4.23
CA SER A 692 -1.06 -17.32 3.05
C SER A 692 -1.54 -18.26 1.97
N PHE A 693 -2.35 -17.72 1.06
CA PHE A 693 -2.90 -18.51 -0.02
C PHE A 693 -3.25 -17.62 -1.19
N ASN A 694 -3.29 -18.23 -2.37
CA ASN A 694 -3.83 -17.59 -3.56
C ASN A 694 -5.17 -18.23 -3.87
N THR A 695 -6.22 -17.45 -3.73
CA THR A 695 -7.53 -17.84 -4.21
C THR A 695 -7.46 -17.83 -5.73
N PHE A 696 -7.57 -18.96 -6.35
CA PHE A 696 -7.07 -19.05 -7.72
C PHE A 696 -8.16 -19.61 -8.60
N ASN A 697 -9.05 -18.73 -9.03
CA ASN A 697 -10.28 -19.08 -9.71
C ASN A 697 -11.30 -19.74 -8.78
N ASN A 698 -11.03 -19.82 -7.48
CA ASN A 698 -12.03 -20.31 -6.50
C ASN A 698 -11.85 -19.58 -5.18
N PRO A 699 -12.31 -18.33 -5.09
CA PRO A 699 -12.29 -17.68 -3.77
C PRO A 699 -13.18 -18.39 -2.77
N GLU A 700 -14.23 -19.05 -3.24
CA GLU A 700 -15.22 -19.70 -2.39
C GLU A 700 -14.62 -20.85 -1.58
N TYR A 701 -13.57 -21.49 -2.08
CA TYR A 701 -12.92 -22.56 -1.33
C TYR A 701 -12.38 -22.06 0.02
N PHE A 702 -12.26 -20.76 0.22
CA PHE A 702 -11.68 -20.19 1.43
C PHE A 702 -12.71 -19.37 2.18
N LYS A 703 -13.98 -19.82 2.16
CA LYS A 703 -15.05 -18.96 2.64
C LYS A 703 -14.86 -18.62 4.12
N ILE A 704 -14.58 -19.61 4.96
CA ILE A 704 -14.63 -19.42 6.42
C ILE A 704 -13.24 -19.54 7.05
N ILE A 705 -12.88 -18.51 7.85
CA ILE A 705 -11.77 -18.56 8.80
C ILE A 705 -12.25 -19.25 10.07
N GLY A 706 -11.37 -20.07 10.66
CA GLY A 706 -11.74 -20.73 11.90
C GLY A 706 -10.62 -21.46 12.60
N LEU A 707 -10.72 -21.57 13.92
CA LEU A 707 -9.79 -22.34 14.74
C LEU A 707 -10.47 -23.59 15.29
N LYS A 708 -9.87 -24.75 15.05
CA LYS A 708 -10.23 -25.96 15.76
C LYS A 708 -9.13 -26.24 16.78
N ASN A 709 -9.51 -26.38 18.04
CA ASN A 709 -8.58 -26.88 19.05
C ASN A 709 -8.93 -28.32 19.37
N ASN A 710 -7.92 -29.10 19.80
CA ASN A 710 -8.20 -30.45 20.28
C ASN A 710 -7.00 -30.93 21.12
N GLY A 711 -7.05 -30.65 22.41
CA GLY A 711 -6.03 -31.21 23.28
C GLY A 711 -6.21 -30.97 24.77
N ASN A 712 -5.08 -30.79 25.46
CA ASN A 712 -5.06 -30.83 26.92
C ASN A 712 -5.82 -29.65 27.55
N ALA A 713 -5.50 -28.42 27.14
CA ALA A 713 -5.94 -27.23 27.86
C ALA A 713 -7.01 -26.45 27.10
N ASN A 714 -7.27 -25.23 27.57
CA ASN A 714 -8.06 -24.27 26.81
C ASN A 714 -7.24 -23.77 25.61
N LEU A 715 -7.83 -22.88 24.80
CA LEU A 715 -7.09 -22.21 23.72
C LEU A 715 -7.45 -20.74 23.72
N HIS A 716 -6.47 -19.89 23.95
CA HIS A 716 -6.67 -18.47 23.83
C HIS A 716 -6.30 -18.00 22.45
N PHE A 717 -6.90 -16.89 22.04
CA PHE A 717 -6.42 -16.23 20.84
C PHE A 717 -7.03 -14.85 20.74
N ASP A 718 -6.30 -13.96 20.06
CA ASP A 718 -6.70 -12.58 19.88
C ASP A 718 -6.10 -12.08 18.57
N ASP A 719 -6.58 -10.93 18.11
CA ASP A 719 -5.93 -10.19 17.01
C ASP A 719 -5.72 -11.06 15.78
N VAL A 720 -6.78 -11.69 15.31
CA VAL A 720 -6.78 -12.31 13.99
C VAL A 720 -6.91 -11.20 12.94
N SER A 721 -6.03 -11.24 11.93
CA SER A 721 -5.98 -10.21 10.89
C SER A 721 -5.91 -10.87 9.50
N VAL A 722 -6.36 -10.13 8.48
CA VAL A 722 -6.43 -10.62 7.10
C VAL A 722 -5.94 -9.53 6.13
N ILE A 723 -4.88 -9.83 5.37
CA ILE A 723 -4.15 -8.86 4.57
C ILE A 723 -4.30 -9.19 3.08
N GLU A 724 -4.66 -8.18 2.27
CA GLU A 724 -4.91 -8.33 0.84
C GLU A 724 -3.68 -7.93 -0.01
N TRP A 725 -3.29 -8.79 -0.97
CA TRP A 725 -2.05 -8.57 -1.75
C TRP A 725 -2.29 -8.77 -3.25
N LYS A 726 -3.00 -7.86 -3.90
CA LYS A 726 -2.86 -7.76 -5.37
C LYS A 726 -3.47 -8.90 -6.19
N THR A 727 -4.43 -8.54 -7.04
CA THR A 727 -5.07 -9.47 -7.97
C THR A 727 -4.17 -9.71 -9.17
N ASN A 728 -4.28 -10.87 -9.79
CA ASN A 728 -3.56 -11.17 -11.01
C ASN A 728 -4.57 -11.46 -12.12
N GLU A 729 -4.05 -11.87 -13.28
CA GLU A 729 -4.94 -12.08 -14.41
C GLU A 729 -5.76 -13.35 -14.20
N ASN A 730 -7.05 -13.25 -14.51
CA ASN A 730 -7.95 -14.41 -14.48
C ASN A 730 -7.59 -15.36 -15.62
N LEU A 731 -6.78 -16.38 -15.33
CA LEU A 731 -6.31 -17.30 -16.37
C LEU A 731 -7.48 -17.96 -17.10
N GLN A 732 -8.48 -18.42 -16.35
CA GLN A 732 -9.58 -19.14 -16.98
C GLN A 732 -10.43 -18.23 -17.83
N LYS A 733 -10.74 -17.03 -17.33
CA LYS A 733 -11.58 -16.13 -18.10
C LYS A 733 -10.92 -15.71 -19.40
N LYS A 734 -9.61 -15.53 -19.40
CA LYS A 734 -8.99 -14.99 -20.60
C LYS A 734 -8.80 -16.05 -21.68
N HIS A 735 -8.69 -17.34 -21.32
CA HIS A 735 -8.68 -18.40 -22.32
C HIS A 735 -10.04 -18.46 -23.01
N ILE A 736 -10.03 -18.61 -24.34
CA ILE A 736 -11.24 -18.90 -25.11
C ILE A 736 -10.93 -20.09 -26.01
N PHE A 737 -11.84 -21.06 -26.05
CA PHE A 737 -11.58 -22.31 -26.72
C PHE A 737 -12.21 -22.38 -28.12
N GLU A 738 -11.64 -23.26 -28.95
CA GLU A 738 -12.06 -23.52 -30.33
C GLU A 738 -11.35 -24.77 -30.84
N LYS A 739 -12.10 -25.84 -31.17
CA LYS A 739 -11.59 -27.01 -31.91
C LYS A 739 -10.59 -27.90 -31.14
N TRP A 740 -10.45 -29.16 -31.59
CA TRP A 740 -9.71 -30.17 -30.83
C TRP A 740 -8.69 -30.98 -31.65
N SER A 741 -8.44 -30.62 -32.93
CA SER A 741 -7.30 -31.14 -33.70
C SER A 741 -7.27 -32.67 -33.95
N PHE A 742 -6.45 -33.42 -33.20
CA PHE A 742 -6.10 -34.87 -33.43
C PHE A 742 -5.10 -35.11 -34.58
N ASP A 746 -0.70 -42.45 -38.45
CA ASP A 746 -0.47 -41.17 -39.12
C ASP A 746 0.17 -40.15 -38.18
N GLU A 747 -0.43 -38.96 -38.17
CA GLU A 747 -0.20 -38.01 -37.10
C GLU A 747 -0.74 -38.57 -35.78
N MET A 748 0.05 -38.48 -34.70
CA MET A 748 -0.25 -39.23 -33.48
C MET A 748 -0.41 -38.35 -32.26
N VAL A 749 -1.32 -37.37 -32.30
CA VAL A 749 -1.30 -36.31 -31.29
C VAL A 749 -2.72 -35.81 -31.02
N ILE A 750 -2.89 -35.20 -29.85
CA ILE A 750 -4.10 -34.48 -29.49
C ILE A 750 -3.72 -33.03 -29.18
N GLY A 751 -4.51 -32.08 -29.68
CA GLY A 751 -4.22 -30.69 -29.42
C GLY A 751 -5.42 -29.78 -29.18
N ALA A 752 -5.28 -28.84 -28.26
CA ALA A 752 -6.36 -27.93 -27.90
C ALA A 752 -6.01 -26.54 -28.37
N THR A 753 -6.86 -25.96 -29.21
CA THR A 753 -6.60 -24.66 -29.83
C THR A 753 -7.37 -23.55 -29.15
N PHE A 754 -6.69 -22.44 -28.88
CA PHE A 754 -7.32 -21.29 -28.23
C PHE A 754 -7.30 -20.11 -29.17
N THR A 755 -8.45 -19.43 -29.28
CA THR A 755 -8.53 -18.19 -30.04
C THR A 755 -7.89 -17.04 -29.26
N ARG A 756 -8.28 -16.88 -28.00
CA ARG A 756 -7.72 -15.88 -27.10
C ARG A 756 -7.04 -16.59 -25.94
N VAL A 757 -5.90 -16.08 -25.49
CA VAL A 757 -5.31 -16.56 -24.25
C VAL A 757 -5.04 -15.39 -23.33
N PRO A 758 -4.70 -15.64 -22.07
CA PRO A 758 -4.21 -14.57 -21.20
C PRO A 758 -2.88 -14.05 -21.68
N SER A 759 -2.52 -12.85 -21.20
CA SER A 759 -1.27 -12.21 -21.57
C SER A 759 -0.13 -12.45 -20.55
N SER A 760 -0.26 -13.43 -19.66
CA SER A 760 0.73 -13.72 -18.63
C SER A 760 1.54 -14.96 -19.01
N LYS A 761 2.79 -15.03 -18.57
CA LYS A 761 3.50 -16.29 -18.74
C LYS A 761 2.80 -17.32 -17.89
N ILE A 762 2.42 -18.42 -18.51
CA ILE A 762 1.76 -19.51 -17.78
C ILE A 762 2.38 -20.82 -18.23
N ARG A 763 1.95 -21.89 -17.60
CA ARG A 763 2.30 -23.23 -18.00
C ARG A 763 1.01 -23.99 -18.26
N TYR A 764 1.13 -25.21 -18.75
CA TYR A 764 -0.03 -26.07 -18.95
C TYR A 764 0.25 -27.44 -18.36
N GLN A 765 -0.81 -28.23 -18.20
CA GLN A 765 -0.66 -29.52 -17.56
C GLN A 765 -1.87 -30.36 -17.91
N TRP A 766 -1.63 -31.54 -18.49
CA TRP A 766 -2.69 -32.43 -18.94
C TRP A 766 -3.11 -33.39 -17.85
N LYS A 767 -4.38 -33.74 -17.85
CA LYS A 767 -4.90 -34.83 -16.99
C LYS A 767 -5.40 -35.91 -17.94
N ILE A 768 -4.63 -36.99 -18.08
CA ILE A 768 -4.99 -38.08 -18.99
C ILE A 768 -5.72 -39.12 -18.14
N ASN A 769 -7.04 -38.94 -18.03
CA ASN A 769 -7.91 -39.92 -17.39
C ASN A 769 -7.49 -40.16 -15.94
N GLY A 770 -7.39 -39.07 -15.17
CA GLY A 770 -7.00 -39.18 -13.79
C GLY A 770 -5.54 -38.88 -13.51
N ARG A 771 -4.62 -39.47 -14.29
CA ARG A 771 -3.20 -39.17 -14.14
C ARG A 771 -2.91 -37.75 -14.62
N LEU A 772 -1.91 -37.11 -14.00
CA LEU A 772 -1.51 -35.75 -14.33
C LEU A 772 -0.16 -35.78 -14.99
N GLY A 773 -0.08 -35.31 -16.24
CA GLY A 773 1.17 -35.22 -16.96
C GLY A 773 2.16 -34.25 -16.32
N SER A 774 3.33 -34.17 -16.96
CA SER A 774 4.32 -33.21 -16.49
C SER A 774 3.81 -31.79 -16.71
N ILE A 775 4.29 -30.85 -15.90
CA ILE A 775 4.02 -29.45 -16.19
C ILE A 775 4.84 -29.05 -17.41
N ILE A 776 4.20 -28.42 -18.39
CA ILE A 776 4.87 -28.10 -19.64
C ILE A 776 4.76 -26.60 -19.90
N PRO A 777 5.71 -25.97 -20.58
CA PRO A 777 5.62 -24.53 -20.82
C PRO A 777 4.62 -24.17 -21.91
N ALA A 778 4.25 -22.90 -21.91
CA ALA A 778 3.27 -22.41 -22.89
C ALA A 778 3.92 -22.40 -24.28
N PRO A 779 3.27 -22.96 -25.29
CA PRO A 779 3.79 -22.85 -26.64
C PRO A 779 3.53 -21.47 -27.21
N PRO A 780 4.30 -21.03 -28.21
CA PRO A 780 4.13 -19.66 -28.74
C PRO A 780 3.02 -19.56 -29.79
N LEU A 781 2.28 -18.44 -29.71
CA LEU A 781 1.23 -18.20 -30.68
C LEU A 781 1.83 -17.99 -32.06
N ASP A 782 1.17 -18.50 -33.09
CA ASP A 782 1.67 -18.29 -34.44
C ASP A 782 0.54 -17.77 -35.32
N ALA A 783 0.94 -16.92 -36.29
CA ALA A 783 0.10 -16.32 -37.33
C ALA A 783 -0.95 -15.41 -36.69
N ASN A 784 -2.20 -15.88 -36.70
CA ASN A 784 -3.25 -15.35 -35.83
C ASN A 784 -2.86 -15.42 -34.35
N GLY A 785 -3.75 -14.97 -33.47
CA GLY A 785 -3.47 -15.04 -32.05
C GLY A 785 -3.75 -16.40 -31.45
N LYS A 786 -3.51 -17.46 -32.24
CA LYS A 786 -3.86 -18.84 -31.86
C LYS A 786 -2.69 -19.49 -31.12
N ARG A 787 -2.97 -19.97 -29.91
CA ARG A 787 -2.09 -20.91 -29.23
C ARG A 787 -2.79 -22.27 -29.22
N THR A 788 -2.01 -23.33 -29.46
CA THR A 788 -2.56 -24.69 -29.36
C THR A 788 -1.60 -25.54 -28.52
N VAL A 789 -2.10 -26.10 -27.40
CA VAL A 789 -1.36 -26.96 -26.51
C VAL A 789 -1.61 -28.40 -26.93
N THR A 790 -0.62 -29.27 -26.74
CA THR A 790 -0.69 -30.62 -27.31
C THR A 790 -0.13 -31.67 -26.36
N TYR A 791 -0.55 -32.91 -26.61
CA TYR A 791 -0.13 -34.06 -25.82
C TYR A 791 0.42 -35.13 -26.77
N GLY A 792 1.63 -35.62 -26.48
CA GLY A 792 2.42 -36.37 -27.45
C GLY A 792 2.32 -37.89 -27.44
N SER A 793 2.45 -38.51 -26.26
CA SER A 793 2.51 -39.97 -26.15
C SER A 793 1.11 -40.58 -26.15
N ILE A 794 0.35 -40.26 -27.21
CA ILE A 794 -1.06 -40.63 -27.30
C ILE A 794 -1.21 -41.68 -28.40
N THR A 795 -2.01 -42.70 -28.11
CA THR A 795 -2.14 -43.83 -29.01
C THR A 795 -3.59 -44.10 -29.33
N ALA A 796 -4.47 -43.66 -28.44
CA ALA A 796 -5.91 -43.82 -28.65
C ALA A 796 -6.62 -42.71 -27.89
N ILE A 797 -7.47 -41.98 -28.61
CA ILE A 797 -8.20 -40.84 -28.08
C ILE A 797 -8.93 -41.18 -26.80
N THR A 798 -8.54 -40.52 -25.70
CA THR A 798 -9.00 -40.79 -24.34
C THR A 798 -9.49 -39.48 -23.71
N PRO A 799 -10.39 -39.53 -22.72
CA PRO A 799 -10.83 -38.28 -22.09
C PRO A 799 -9.65 -37.56 -21.45
N MET A 800 -9.60 -36.22 -21.64
CA MET A 800 -8.48 -35.42 -21.16
C MET A 800 -8.92 -34.05 -20.68
N GLU A 801 -8.13 -33.47 -19.79
CA GLU A 801 -8.35 -32.15 -19.24
C GLU A 801 -7.05 -31.37 -19.32
N LEU A 802 -7.13 -30.14 -19.76
CA LEU A 802 -5.96 -29.28 -19.90
C LEU A 802 -6.06 -28.19 -18.83
N TYR A 803 -5.05 -28.13 -17.95
CA TYR A 803 -4.99 -27.15 -16.87
C TYR A 803 -4.00 -26.03 -17.18
N ALA A 804 -4.37 -24.80 -16.82
CA ALA A 804 -3.44 -23.67 -16.87
C ALA A 804 -2.75 -23.54 -15.51
N VAL A 805 -1.42 -23.58 -15.53
CA VAL A 805 -0.59 -23.58 -14.32
C VAL A 805 0.01 -22.20 -14.16
N ASP A 806 0.13 -21.76 -12.91
CA ASP A 806 0.80 -20.49 -12.61
C ASP A 806 2.25 -20.51 -13.08
N GLU A 807 2.78 -19.30 -13.36
CA GLU A 807 4.14 -19.18 -13.89
C GLU A 807 5.18 -19.75 -12.93
N LYS A 808 5.16 -19.31 -11.66
CA LYS A 808 6.15 -19.70 -10.67
C LYS A 808 5.70 -20.87 -9.81
N ASN A 809 4.43 -20.90 -9.43
CA ASN A 809 3.91 -21.81 -8.42
C ASN A 809 3.29 -23.04 -9.04
N ASP A 810 3.86 -24.21 -8.75
CA ASP A 810 3.42 -25.45 -9.38
C ASP A 810 2.05 -25.92 -8.90
N ASN A 811 1.53 -25.37 -7.79
CA ASN A 811 0.31 -25.89 -7.18
C ASN A 811 -0.92 -25.02 -7.45
N LEU A 812 -0.88 -24.18 -8.48
CA LEU A 812 -1.97 -23.28 -8.84
C LEU A 812 -2.44 -23.59 -10.26
N LYS A 813 -3.35 -24.55 -10.38
CA LYS A 813 -3.91 -24.89 -11.67
C LYS A 813 -5.28 -24.26 -11.83
N VAL A 814 -5.88 -24.53 -12.97
CA VAL A 814 -7.24 -24.15 -13.30
C VAL A 814 -7.55 -24.81 -14.63
N LYS A 815 -8.71 -25.45 -14.73
CA LYS A 815 -9.12 -26.11 -15.96
C LYS A 815 -9.47 -25.10 -17.05
N VAL A 816 -8.92 -25.29 -18.25
CA VAL A 816 -9.21 -24.39 -19.37
C VAL A 816 -9.76 -25.13 -20.59
N ALA A 817 -9.71 -26.47 -20.59
CA ALA A 817 -10.28 -27.28 -21.65
C ALA A 817 -10.52 -28.70 -21.14
N GLU A 818 -11.55 -29.34 -21.66
CA GLU A 818 -11.87 -30.70 -21.24
C GLU A 818 -12.50 -31.46 -22.40
N LEU A 819 -12.12 -32.73 -22.51
CA LEU A 819 -12.57 -33.62 -23.57
C LEU A 819 -13.26 -34.79 -22.87
N GLY A 820 -14.58 -34.85 -23.00
CA GLY A 820 -15.37 -35.79 -22.24
C GLY A 820 -15.91 -36.97 -23.03
N GLU A 821 -16.22 -38.07 -22.34
CA GLU A 821 -16.52 -39.32 -23.04
C GLU A 821 -17.74 -39.24 -23.96
N SER A 822 -18.63 -38.27 -23.74
CA SER A 822 -19.76 -38.09 -24.65
C SER A 822 -19.34 -37.35 -25.91
N GLU A 823 -18.28 -36.55 -25.83
CA GLU A 823 -17.71 -35.94 -27.03
C GLU A 823 -16.94 -36.97 -27.85
N ILE A 824 -16.07 -37.75 -27.21
CA ILE A 824 -15.35 -38.81 -27.89
C ILE A 824 -16.32 -39.73 -28.59
N GLU A 825 -17.36 -40.18 -27.87
CA GLU A 825 -18.44 -40.97 -28.43
C GLU A 825 -18.90 -40.36 -29.75
N LYS A 826 -19.06 -39.03 -29.81
CA LYS A 826 -19.52 -38.41 -31.04
C LYS A 826 -18.45 -38.46 -32.12
N VAL A 827 -17.19 -38.25 -31.72
CA VAL A 827 -16.10 -38.26 -32.70
C VAL A 827 -15.91 -39.65 -33.30
N MET A 828 -15.93 -40.69 -32.47
CA MET A 828 -15.91 -42.04 -33.01
C MET A 828 -17.03 -42.23 -34.03
N ILE A 829 -18.25 -41.83 -33.69
CA ILE A 829 -19.41 -42.13 -34.54
C ILE A 829 -19.32 -41.40 -35.87
N ASP A 830 -18.68 -40.24 -35.93
CA ASP A 830 -18.54 -39.51 -37.17
C ASP A 830 -17.35 -39.95 -37.99
N ALA A 831 -16.30 -40.40 -37.31
CA ALA A 831 -15.11 -40.95 -37.95
C ALA A 831 -15.41 -42.19 -38.77
N HIS A 832 -16.65 -42.68 -38.76
CA HIS A 832 -17.03 -43.82 -39.58
C HIS A 832 -17.89 -43.32 -40.73
N LYS A 833 -17.31 -43.24 -41.93
CA LYS A 833 -18.05 -42.79 -43.10
C LYS A 833 -18.16 -43.96 -44.05
N PHE A 834 -19.03 -43.83 -45.04
CA PHE A 834 -19.41 -44.95 -45.90
C PHE A 834 -18.65 -44.81 -47.22
N SER A 835 -17.89 -45.84 -47.57
CA SER A 835 -17.22 -45.81 -48.86
C SER A 835 -18.08 -46.36 -50.00
N GLY A 836 -18.73 -47.49 -49.79
CA GLY A 836 -19.52 -48.08 -50.86
C GLY A 836 -19.78 -49.54 -50.61
N TRP A 837 -20.59 -50.11 -51.50
CA TRP A 837 -20.94 -51.52 -51.44
C TRP A 837 -20.09 -52.31 -52.43
N TRP A 838 -20.03 -53.62 -52.22
CA TRP A 838 -19.28 -54.52 -53.09
C TRP A 838 -20.27 -55.49 -53.74
N TYR A 839 -20.44 -55.40 -55.06
CA TYR A 839 -21.27 -56.39 -55.76
C TYR A 839 -20.36 -57.40 -56.43
N LEU A 840 -20.91 -58.25 -57.29
CA LEU A 840 -20.13 -59.31 -57.92
C LEU A 840 -20.07 -59.12 -59.43
N SER A 841 -18.84 -59.23 -59.98
CA SER A 841 -18.67 -59.41 -61.41
C SER A 841 -19.60 -60.50 -61.93
N GLU A 842 -19.67 -61.63 -61.20
CA GLU A 842 -20.32 -62.86 -61.65
C GLU A 842 -21.83 -62.86 -61.46
N ASN A 843 -22.39 -61.89 -60.73
CA ASN A 843 -23.84 -61.69 -60.57
C ASN A 843 -24.06 -60.35 -59.88
N PRO A 844 -24.37 -59.29 -60.65
CA PRO A 844 -24.33 -57.92 -60.09
C PRO A 844 -25.62 -57.43 -59.44
N ASN A 845 -26.54 -58.34 -59.11
CA ASN A 845 -27.65 -58.02 -58.23
C ASN A 845 -27.44 -58.56 -56.82
N LEU A 846 -26.32 -59.24 -56.58
CA LEU A 846 -25.90 -59.77 -55.29
C LEU A 846 -24.74 -58.96 -54.73
N TYR A 847 -24.88 -58.47 -53.50
CA TYR A 847 -23.85 -57.68 -52.82
C TYR A 847 -23.05 -58.54 -51.85
N SER A 848 -21.85 -58.09 -51.52
CA SER A 848 -20.94 -58.96 -50.77
C SER A 848 -20.12 -58.26 -49.70
N GLY A 849 -20.04 -56.94 -49.70
CA GLY A 849 -19.23 -56.22 -48.71
C GLY A 849 -19.72 -54.81 -48.51
N LEU A 850 -19.63 -54.36 -47.27
CA LEU A 850 -19.85 -52.97 -46.90
C LEU A 850 -18.49 -52.39 -46.58
N SER A 851 -18.15 -51.25 -47.15
CA SER A 851 -16.86 -50.69 -46.76
C SER A 851 -16.99 -49.24 -46.32
N LEU A 852 -16.31 -48.94 -45.23
CA LEU A 852 -16.13 -47.60 -44.71
C LEU A 852 -14.73 -47.13 -45.07
N TYR A 853 -14.50 -45.82 -44.88
CA TYR A 853 -13.17 -45.25 -45.06
C TYR A 853 -12.27 -45.65 -43.91
N LYS A 854 -10.99 -45.88 -44.25
CA LYS A 854 -10.00 -46.21 -43.24
C LYS A 854 -10.09 -45.19 -42.12
N LEU A 855 -9.99 -45.66 -40.88
CA LEU A 855 -9.99 -44.57 -39.91
C LEU A 855 -8.57 -44.13 -39.60
N PRO A 856 -8.39 -42.87 -39.19
CA PRO A 856 -7.09 -42.46 -38.64
C PRO A 856 -6.73 -43.26 -37.40
N ASP A 857 -5.43 -43.45 -37.19
CA ASP A 857 -5.00 -44.45 -36.22
C ASP A 857 -5.29 -44.02 -34.80
N ILE A 858 -5.30 -42.72 -34.53
CA ILE A 858 -5.63 -42.27 -33.19
C ILE A 858 -7.06 -42.70 -32.80
N PHE A 859 -7.96 -42.85 -33.78
CA PHE A 859 -9.33 -43.30 -33.53
C PHE A 859 -9.48 -44.82 -33.60
N TYR A 860 -8.92 -45.44 -34.63
CA TYR A 860 -9.13 -46.86 -34.84
C TYR A 860 -8.62 -47.66 -33.65
N ASN A 861 -7.53 -47.23 -33.04
CA ASN A 861 -7.06 -48.04 -31.88
C ASN A 861 -7.88 -47.92 -30.70
N ASN A 862 -8.98 -47.23 -30.87
CA ASN A 862 -9.94 -47.06 -29.81
C ASN A 862 -11.16 -47.95 -29.98
N VAL A 863 -11.49 -48.33 -31.22
CA VAL A 863 -12.38 -49.46 -31.47
C VAL A 863 -11.67 -50.74 -31.05
N SER A 864 -12.41 -51.71 -30.49
CA SER A 864 -11.88 -53.05 -30.22
C SER A 864 -12.43 -54.13 -31.15
N SER A 865 -13.72 -54.09 -31.48
CA SER A 865 -14.30 -54.99 -32.48
C SER A 865 -15.53 -54.30 -33.05
N TYR A 866 -16.14 -54.95 -34.04
CA TYR A 866 -17.37 -54.43 -34.60
C TYR A 866 -18.50 -55.44 -34.41
N LYS A 867 -19.74 -54.95 -34.54
CA LYS A 867 -20.92 -55.83 -34.65
C LYS A 867 -21.74 -55.37 -35.84
N ILE A 868 -22.19 -56.33 -36.65
CA ILE A 868 -22.89 -56.03 -37.90
C ILE A 868 -24.17 -56.87 -37.97
N ARG A 869 -25.30 -56.22 -38.28
CA ARG A 869 -26.58 -56.90 -38.45
C ARG A 869 -27.08 -56.57 -39.84
N VAL A 870 -27.19 -57.57 -40.69
CA VAL A 870 -27.64 -57.34 -42.05
C VAL A 870 -28.94 -58.10 -42.26
N ASN A 871 -29.90 -57.45 -42.94
CA ASN A 871 -31.24 -57.99 -43.14
C ASN A 871 -31.85 -58.35 -41.79
N GLY A 872 -31.85 -57.38 -40.87
CA GLY A 872 -32.33 -57.58 -39.51
C GLY A 872 -32.05 -58.89 -38.77
N LYS A 873 -31.20 -59.77 -39.31
CA LYS A 873 -31.05 -61.12 -38.76
C LYS A 873 -30.13 -61.15 -37.55
N LYS A 874 -29.37 -62.24 -37.42
CA LYS A 874 -28.50 -62.46 -36.26
C LYS A 874 -27.40 -61.40 -36.24
N VAL A 875 -27.05 -60.95 -35.04
CA VAL A 875 -26.14 -59.81 -34.87
C VAL A 875 -24.73 -60.38 -34.69
N GLN A 876 -24.04 -60.56 -35.82
CA GLN A 876 -22.70 -61.15 -35.81
C GLN A 876 -21.65 -60.18 -35.25
N THR A 877 -20.68 -60.73 -34.52
CA THR A 877 -19.55 -59.97 -33.98
C THR A 877 -18.30 -60.33 -34.77
N VAL A 878 -17.63 -59.32 -35.34
CA VAL A 878 -16.45 -59.50 -36.18
C VAL A 878 -15.34 -58.59 -35.70
N SER A 879 -14.11 -59.06 -35.89
CA SER A 879 -12.92 -58.39 -35.41
C SER A 879 -12.55 -57.23 -36.33
N LYS A 880 -11.72 -56.32 -35.79
CA LYS A 880 -11.29 -55.10 -36.45
C LYS A 880 -10.68 -55.43 -37.81
N PRO A 881 -11.35 -55.08 -38.92
CA PRO A 881 -10.79 -55.37 -40.24
C PRO A 881 -9.48 -54.64 -40.46
N SER A 882 -8.53 -55.31 -41.17
CA SER A 882 -7.22 -54.79 -41.56
C SER A 882 -7.37 -53.90 -42.78
N PRO A 883 -7.26 -52.58 -42.64
CA PRO A 883 -7.48 -51.69 -43.79
C PRO A 883 -6.62 -52.07 -44.97
N PHE A 884 -7.27 -52.19 -46.12
CA PHE A 884 -6.58 -52.31 -47.40
C PHE A 884 -6.57 -50.94 -48.02
N LEU A 885 -5.40 -50.30 -47.95
CA LEU A 885 -5.32 -48.88 -47.66
C LEU A 885 -6.34 -48.10 -48.48
N PHE A 886 -6.99 -47.15 -47.80
CA PHE A 886 -8.01 -46.19 -48.25
C PHE A 886 -9.42 -46.57 -47.74
N GLN A 887 -9.59 -47.77 -47.15
CA GLN A 887 -10.89 -48.22 -46.67
C GLN A 887 -10.94 -49.62 -46.04
N ILE A 888 -11.64 -49.75 -44.86
CA ILE A 888 -11.94 -51.04 -44.21
C ILE A 888 -13.23 -51.61 -44.80
N THR A 889 -13.32 -52.94 -44.82
CA THR A 889 -14.48 -53.62 -45.38
C THR A 889 -14.88 -54.83 -44.54
N PHE A 890 -16.19 -54.93 -44.27
CA PHE A 890 -16.86 -56.09 -43.67
C PHE A 890 -17.66 -56.81 -44.76
N ASN A 891 -17.70 -58.15 -44.73
CA ASN A 891 -18.48 -58.84 -45.76
C ASN A 891 -19.87 -59.19 -45.22
N LEU A 892 -20.78 -59.49 -46.15
CA LEU A 892 -22.20 -59.59 -45.85
C LEU A 892 -22.76 -60.99 -46.10
N LYS A 893 -21.95 -61.92 -46.61
CA LYS A 893 -22.44 -63.26 -46.91
C LYS A 893 -22.97 -63.95 -45.66
N ASN A 894 -22.39 -63.67 -44.48
CA ASN A 894 -22.59 -64.54 -43.32
C ASN A 894 -23.44 -63.97 -42.18
N PRO A 895 -23.49 -62.66 -41.95
CA PRO A 895 -24.54 -62.14 -41.05
C PRO A 895 -25.92 -62.18 -41.69
N ASN A 896 -26.00 -62.59 -42.96
CA ASN A 896 -27.23 -62.66 -43.73
C ASN A 896 -27.60 -64.10 -44.04
N GLY A 897 -27.10 -65.05 -43.27
CA GLY A 897 -27.31 -66.46 -43.57
C GLY A 897 -26.18 -67.00 -44.45
N GLY A 898 -26.49 -67.26 -45.73
CA GLY A 898 -25.48 -67.60 -46.72
C GLY A 898 -25.77 -66.86 -48.01
N THR A 899 -26.99 -66.32 -48.10
CA THR A 899 -27.43 -65.51 -49.23
C THR A 899 -26.60 -64.23 -49.31
N TYR A 900 -25.96 -64.00 -50.44
CA TYR A 900 -25.48 -62.66 -50.75
C TYR A 900 -26.67 -61.72 -50.74
N PRO A 901 -26.68 -60.68 -49.90
CA PRO A 901 -27.87 -59.85 -49.75
C PRO A 901 -28.65 -59.50 -51.00
N THR A 902 -29.90 -59.91 -50.93
CA THR A 902 -31.06 -59.08 -51.28
C THR A 902 -30.62 -57.69 -51.81
N LYS A 903 -31.16 -57.29 -52.97
CA LYS A 903 -30.94 -55.96 -53.52
C LYS A 903 -31.33 -54.82 -52.59
N ASP A 904 -32.13 -55.06 -51.53
CA ASP A 904 -32.62 -53.97 -50.68
C ASP A 904 -32.35 -54.16 -49.20
N ALA A 905 -31.30 -54.91 -48.85
CA ALA A 905 -31.05 -55.31 -47.47
C ALA A 905 -30.85 -54.10 -46.54
N SER A 906 -30.91 -54.37 -45.24
CA SER A 906 -30.58 -53.39 -44.24
C SER A 906 -29.24 -53.78 -43.63
N VAL A 907 -28.30 -52.84 -43.59
CA VAL A 907 -27.02 -53.09 -42.94
C VAL A 907 -26.86 -52.14 -41.76
N GLU A 908 -26.51 -52.72 -40.62
CA GLU A 908 -26.29 -51.99 -39.38
C GLU A 908 -24.91 -52.36 -38.88
N LEU A 909 -24.23 -51.40 -38.26
CA LEU A 909 -22.83 -51.59 -37.94
C LEU A 909 -22.53 -50.87 -36.63
N TRP A 910 -21.77 -51.52 -35.74
CA TRP A 910 -21.72 -51.06 -34.35
C TRP A 910 -20.35 -50.61 -33.87
N ALA A 911 -19.30 -51.44 -33.86
CA ALA A 911 -18.02 -50.93 -33.31
C ALA A 911 -18.05 -50.46 -31.83
N THR A 912 -17.53 -51.30 -30.95
CA THR A 912 -17.73 -51.17 -29.51
C THR A 912 -16.55 -50.42 -28.89
N VAL A 913 -16.83 -49.58 -27.88
CA VAL A 913 -15.73 -48.97 -27.07
C VAL A 913 -15.90 -49.04 -25.50
N ASP A 917 -20.72 -50.39 -27.08
CA ASP A 917 -21.20 -50.49 -28.49
C ASP A 917 -21.80 -49.21 -28.98
N LEU A 918 -21.75 -48.95 -30.29
CA LEU A 918 -22.08 -47.62 -30.82
C LEU A 918 -22.59 -47.74 -32.26
N LYS A 919 -23.91 -47.69 -32.47
CA LYS A 919 -24.41 -47.70 -33.84
C LYS A 919 -23.63 -46.67 -34.68
N VAL A 920 -23.10 -47.14 -35.80
CA VAL A 920 -22.14 -46.41 -36.61
C VAL A 920 -22.60 -46.21 -38.04
N LEU A 921 -23.23 -47.21 -38.64
CA LEU A 921 -24.14 -46.88 -39.71
C LEU A 921 -25.36 -47.80 -39.66
N HIS A 922 -26.42 -47.28 -40.26
CA HIS A 922 -27.69 -47.97 -40.46
C HIS A 922 -28.10 -47.54 -41.86
N LYS A 923 -28.11 -48.48 -42.81
CA LYS A 923 -28.16 -48.10 -44.22
C LYS A 923 -28.81 -49.21 -45.01
N TRP A 924 -29.39 -48.81 -46.14
CA TRP A 924 -30.10 -49.72 -47.03
C TRP A 924 -29.34 -49.79 -48.34
N ILE A 925 -29.04 -51.00 -48.81
CA ILE A 925 -28.37 -51.16 -50.09
C ILE A 925 -29.30 -50.64 -51.17
N GLN A 926 -28.88 -49.58 -51.85
CA GLN A 926 -29.60 -49.04 -52.99
C GLN A 926 -28.71 -49.07 -54.23
N LYS A 927 -29.33 -49.21 -55.41
CA LYS A 927 -28.61 -49.05 -56.67
C LYS A 927 -27.99 -47.65 -56.79
N SER A 928 -28.50 -46.68 -56.02
CA SER A 928 -28.01 -45.31 -56.06
C SER A 928 -26.59 -45.18 -55.51
N ASP A 929 -26.24 -45.97 -54.49
CA ASP A 929 -24.99 -45.78 -53.75
C ASP A 929 -23.75 -46.13 -54.60
N VAL A 930 -22.57 -45.74 -54.10
CA VAL A 930 -21.29 -46.16 -54.67
C VAL A 930 -21.13 -47.68 -54.59
N MET A 931 -20.65 -48.30 -55.67
CA MET A 931 -20.44 -49.75 -55.67
C MET A 931 -19.13 -50.10 -56.37
N TYR A 932 -18.65 -51.36 -56.19
CA TYR A 932 -17.27 -51.69 -56.60
C TYR A 932 -17.03 -53.00 -57.39
N SER A 933 -17.42 -54.17 -56.85
CA SER A 933 -17.31 -55.49 -57.50
C SER A 933 -15.91 -56.09 -57.63
N GLN A 934 -15.84 -57.37 -58.05
CA GLN A 934 -14.56 -58.11 -58.28
C GLN A 934 -14.69 -59.38 -59.18
#